data_1MLY
#
_entry.id   1MLY
#
_cell.length_a   128.655
_cell.length_b   56.073
_cell.length_c   116.174
_cell.angle_alpha   90.00
_cell.angle_beta   109.86
_cell.angle_gamma   90.00
#
_symmetry.space_group_name_H-M   'C 1 2 1'
#
loop_
_entity.id
_entity.type
_entity.pdbx_description
1 polymer '7,8-diamino-pelargonic acid aminotransferase'
2 non-polymer CIS-AMICLENOMYCIN
3 non-polymer 'SODIUM ION'
4 non-polymer "PYRIDOXAL-5'-PHOSPHATE"
5 water water
#
_entity_poly.entity_id   1
_entity_poly.type   'polypeptide(L)'
_entity_poly.pdbx_seq_one_letter_code
;MTTDDLAFDQRHILHPYTSMTSPLPVYPVVSAEGCELILSDGRRLVDGMSSWWAAIHGYNHPQLNAAMKSQIDAMSHVMF
GGITHAPAIELCRKLVAMTPQPLECVFLADSGSVAVEVAMKMALQYWQAKGEARQRFLTFRNGYHGDTFGAMSVCDPDNS
MHSLWKGYLPENLFAPAPQSRMDGEWDERDMVGFARLMAAHRHEIAAVIIEPIVQGAGGMRMYHPEWLKRIRKICDREGI
LLIADEIATGFGRTGKLFACEHAEIAPDILCLGKALTGGTMTLSATLTTREVAETISNGEAGCFMHGPTFMGNPLACAAA
NASLAILESGDWQQQVADIEVQLREQLAPARDAEMVADVRVLGAIGVVETTHPVNMAALQKFFVEQGVWIRPFGKLIYLM
PPYIILPQQLQRLTAAVNRAVQDETFFCQ
;
_entity_poly.pdbx_strand_id   A,B
#
loop_
_chem_comp.id
_chem_comp.type
_chem_comp.name
_chem_comp.formula
ACZ non-polymer CIS-AMICLENOMYCIN 'C10 H16 N2 O2'
NA non-polymer 'SODIUM ION' 'Na 1'
PLP non-polymer PYRIDOXAL-5'-PHOSPHATE 'C8 H10 N O6 P'
#
# COMPACT_ATOMS: atom_id res chain seq x y z
N MET A 1 -18.77 -20.94 7.06
CA MET A 1 -18.93 -19.70 7.87
C MET A 1 -20.26 -19.74 8.62
N THR A 2 -20.20 -20.04 9.91
CA THR A 2 -21.29 -19.94 10.85
C THR A 2 -21.94 -18.56 10.95
N THR A 3 -23.10 -18.51 11.60
CA THR A 3 -23.80 -17.26 11.78
C THR A 3 -23.01 -16.39 12.76
N ASP A 4 -22.30 -17.01 13.70
CA ASP A 4 -21.49 -16.24 14.63
C ASP A 4 -20.33 -15.56 13.90
N ASP A 5 -19.78 -16.26 12.91
CA ASP A 5 -18.72 -15.69 12.07
C ASP A 5 -19.23 -14.41 11.43
N LEU A 6 -20.42 -14.48 10.85
CA LEU A 6 -21.01 -13.33 10.16
C LEU A 6 -21.29 -12.21 11.16
N ALA A 7 -21.73 -12.60 12.36
CA ALA A 7 -21.96 -11.62 13.42
C ALA A 7 -20.66 -10.91 13.79
N PHE A 8 -19.57 -11.67 13.85
CA PHE A 8 -18.28 -11.08 14.21
C PHE A 8 -17.86 -10.08 13.14
N ASP A 9 -18.00 -10.49 11.89
CA ASP A 9 -17.62 -9.63 10.78
C ASP A 9 -18.39 -8.31 10.88
N GLN A 10 -19.70 -8.38 11.05
CA GLN A 10 -20.51 -7.16 11.12
C GLN A 10 -20.06 -6.21 12.23
N ARG A 11 -19.77 -6.74 13.41
CA ARG A 11 -19.46 -5.89 14.57
C ARG A 11 -18.00 -5.51 14.75
N HIS A 12 -17.09 -6.29 14.18
CA HIS A 12 -15.66 -6.09 14.42
C HIS A 12 -14.81 -5.80 13.19
N ILE A 13 -15.34 -6.06 11.99
CA ILE A 13 -14.54 -5.88 10.76
C ILE A 13 -15.01 -4.70 9.91
N LEU A 14 -14.16 -3.68 9.78
CA LEU A 14 -14.49 -2.52 8.97
C LEU A 14 -14.37 -2.89 7.52
N HIS A 15 -15.38 -2.55 6.74
CA HIS A 15 -15.33 -2.82 5.32
C HIS A 15 -15.08 -1.52 4.59
N PRO A 16 -14.69 -1.59 3.34
CA PRO A 16 -14.39 -0.40 2.56
C PRO A 16 -15.59 0.55 2.43
N TYR A 17 -15.36 1.83 2.70
CA TYR A 17 -16.36 2.90 2.62
C TYR A 17 -17.77 2.50 3.05
N THR A 18 -17.88 1.96 4.25
CA THR A 18 -19.19 1.60 4.75
C THR A 18 -19.28 1.75 6.26
N SER A 19 -20.51 1.96 6.74
CA SER A 19 -20.76 2.23 8.15
C SER A 19 -20.56 1.04 9.08
N MET A 20 -19.98 1.32 10.24
CA MET A 20 -19.79 0.33 11.28
C MET A 20 -21.03 0.25 12.14
N THR A 21 -21.99 1.13 11.84
CA THR A 21 -23.21 1.19 12.60
C THR A 21 -24.40 0.83 11.75
N SER A 22 -24.42 1.33 10.52
CA SER A 22 -25.50 1.00 9.62
C SER A 22 -25.02 0.07 8.50
N PRO A 23 -24.12 -0.88 8.77
CA PRO A 23 -23.78 -1.90 7.79
C PRO A 23 -24.98 -2.34 6.91
N LEU A 24 -24.83 -2.39 5.58
CA LEU A 24 -25.78 -3.14 4.71
C LEU A 24 -25.22 -4.58 4.54
N PRO A 25 -26.11 -5.50 4.21
CA PRO A 25 -25.78 -6.92 4.04
C PRO A 25 -24.43 -7.22 3.38
N VAL A 26 -23.73 -8.27 3.84
CA VAL A 26 -22.53 -8.78 3.17
C VAL A 26 -22.81 -10.22 2.76
N TYR A 27 -22.13 -10.70 1.75
CA TYR A 27 -22.34 -12.05 1.25
C TYR A 27 -21.07 -12.86 1.48
N PRO A 28 -21.18 -14.03 2.10
CA PRO A 28 -20.01 -14.83 2.41
C PRO A 28 -19.56 -15.67 1.24
N VAL A 29 -18.36 -15.38 0.74
CA VAL A 29 -17.80 -16.07 -0.41
C VAL A 29 -16.80 -17.11 0.07
N VAL A 30 -16.94 -18.34 -0.41
CA VAL A 30 -16.04 -19.41 0.01
C VAL A 30 -14.95 -19.69 -1.02
N SER A 31 -15.27 -19.49 -2.28
CA SER A 31 -14.31 -19.74 -3.35
C SER A 31 -14.76 -19.07 -4.63
N ALA A 32 -13.97 -19.22 -5.68
CA ALA A 32 -14.28 -18.61 -6.96
C ALA A 32 -13.57 -19.35 -8.08
N GLU A 33 -14.23 -19.49 -9.22
CA GLU A 33 -13.66 -20.16 -10.38
C GLU A 33 -14.24 -19.55 -11.66
N GLY A 34 -13.41 -19.43 -12.68
CA GLY A 34 -13.81 -18.83 -13.94
C GLY A 34 -14.34 -17.42 -13.73
N CYS A 35 -15.61 -17.20 -14.06
CA CYS A 35 -16.22 -15.88 -13.87
C CYS A 35 -17.30 -15.95 -12.80
N GLU A 36 -17.19 -16.91 -11.90
CA GLU A 36 -18.17 -17.12 -10.84
C GLU A 36 -17.62 -17.02 -9.43
N LEU A 37 -18.41 -16.36 -8.56
CA LEU A 37 -18.14 -16.34 -7.13
C LEU A 37 -19.05 -17.39 -6.51
N ILE A 38 -18.55 -18.13 -5.53
CA ILE A 38 -19.33 -19.15 -4.86
C ILE A 38 -19.59 -18.77 -3.40
N LEU A 39 -20.87 -18.67 -3.03
CA LEU A 39 -21.28 -18.33 -1.68
C LEU A 39 -21.26 -19.53 -0.73
N SER A 40 -21.27 -19.25 0.56
CA SER A 40 -21.23 -20.29 1.61
C SER A 40 -22.31 -21.36 1.46
N ASP A 41 -23.47 -20.96 0.97
CA ASP A 41 -24.61 -21.86 0.82
C ASP A 41 -24.70 -22.48 -0.57
N GLY A 42 -23.66 -22.31 -1.38
CA GLY A 42 -23.62 -22.92 -2.69
C GLY A 42 -24.01 -22.07 -3.88
N ARG A 43 -24.77 -21.01 -3.62
CA ARG A 43 -25.21 -20.08 -4.68
C ARG A 43 -24.01 -19.67 -5.51
N ARG A 44 -24.13 -19.73 -6.83
CA ARG A 44 -23.06 -19.31 -7.74
C ARG A 44 -23.43 -18.00 -8.42
N LEU A 45 -22.52 -17.03 -8.40
CA LEU A 45 -22.80 -15.70 -8.97
C LEU A 45 -21.86 -15.35 -10.12
N VAL A 46 -22.44 -14.91 -11.24
CA VAL A 46 -21.65 -14.44 -12.37
C VAL A 46 -21.08 -13.09 -11.96
N ASP A 47 -19.76 -12.94 -12.02
CA ASP A 47 -19.11 -11.72 -11.57
C ASP A 47 -19.10 -10.59 -12.63
N GLY A 48 -19.86 -9.54 -12.37
CA GLY A 48 -19.87 -8.40 -13.26
C GLY A 48 -18.84 -7.33 -12.95
N MET A 49 -18.14 -7.48 -11.82
CA MET A 49 -17.23 -6.44 -11.33
C MET A 49 -15.72 -6.72 -11.44
N SER A 50 -15.33 -7.98 -11.67
CA SER A 50 -13.91 -8.33 -11.74
C SER A 50 -13.18 -7.94 -10.44
N SER A 51 -13.87 -8.00 -9.31
CA SER A 51 -13.30 -7.61 -8.02
C SER A 51 -12.70 -6.21 -8.10
N TRP A 52 -13.58 -5.28 -8.43
CA TRP A 52 -13.19 -3.89 -8.58
C TRP A 52 -12.16 -3.75 -9.70
N TRP A 53 -12.48 -4.41 -10.81
CA TRP A 53 -11.86 -4.20 -12.10
C TRP A 53 -10.51 -4.92 -12.35
N ALA A 54 -10.00 -5.64 -11.36
CA ALA A 54 -8.68 -6.26 -11.45
C ALA A 54 -8.61 -7.66 -12.05
N ALA A 55 -9.63 -8.48 -11.81
CA ALA A 55 -9.60 -9.89 -12.20
C ALA A 55 -9.99 -10.07 -13.66
N ILE A 56 -9.15 -9.53 -14.54
CA ILE A 56 -9.41 -9.52 -15.98
C ILE A 56 -9.36 -10.94 -16.59
N HIS A 57 -8.74 -11.87 -15.87
CA HIS A 57 -8.63 -13.25 -16.34
C HIS A 57 -9.55 -14.14 -15.53
N GLY A 58 -10.43 -13.55 -14.74
CA GLY A 58 -11.32 -14.34 -13.90
C GLY A 58 -10.64 -14.87 -12.67
N TYR A 59 -11.20 -15.95 -12.12
CA TYR A 59 -10.72 -16.51 -10.87
C TYR A 59 -10.16 -17.92 -11.05
N ASN A 60 -9.31 -18.33 -10.12
CA ASN A 60 -8.69 -19.66 -10.18
C ASN A 60 -8.15 -19.94 -11.58
N HIS A 61 -7.43 -18.97 -12.15
CA HIS A 61 -6.85 -19.17 -13.47
C HIS A 61 -5.63 -20.10 -13.33
N PRO A 62 -5.60 -21.18 -14.11
CA PRO A 62 -4.49 -22.14 -14.10
C PRO A 62 -3.11 -21.52 -14.17
N GLN A 63 -2.89 -20.65 -15.14
CA GLN A 63 -1.61 -19.99 -15.34
C GLN A 63 -1.23 -19.16 -14.09
N LEU A 64 -2.17 -18.36 -13.60
CA LEU A 64 -1.93 -17.53 -12.43
C LEU A 64 -1.59 -18.39 -11.22
N ASN A 65 -2.38 -19.42 -10.96
CA ASN A 65 -2.16 -20.31 -9.81
C ASN A 65 -0.79 -20.98 -9.88
N ALA A 66 -0.46 -21.51 -11.06
CA ALA A 66 0.82 -22.20 -11.25
C ALA A 66 2.00 -21.28 -10.95
N ALA A 67 1.99 -20.08 -11.51
CA ALA A 67 3.06 -19.12 -11.30
C ALA A 67 3.21 -18.76 -9.82
N MET A 68 2.09 -18.59 -9.13
CA MET A 68 2.11 -18.24 -7.72
C MET A 68 2.66 -19.39 -6.85
N LYS A 69 2.16 -20.60 -7.07
CA LYS A 69 2.63 -21.73 -6.29
C LYS A 69 4.11 -21.99 -6.50
N SER A 70 4.56 -21.83 -7.74
CA SER A 70 5.97 -22.04 -8.07
C SER A 70 6.88 -21.01 -7.42
N GLN A 71 6.44 -19.76 -7.38
CA GLN A 71 7.25 -18.74 -6.72
C GLN A 71 7.28 -18.95 -5.22
N ILE A 72 6.19 -19.47 -4.65
CA ILE A 72 6.17 -19.81 -3.24
C ILE A 72 7.24 -20.87 -2.95
N ASP A 73 7.42 -21.80 -3.88
CA ASP A 73 8.42 -22.85 -3.71
C ASP A 73 9.84 -22.31 -3.69
N ALA A 74 10.09 -21.20 -4.39
CA ALA A 74 11.40 -20.58 -4.42
C ALA A 74 11.56 -19.67 -3.19
N MET A 75 10.68 -18.68 -3.11
CA MET A 75 10.60 -17.75 -1.98
C MET A 75 9.41 -16.83 -2.25
N SER A 76 8.47 -16.75 -1.32
CA SER A 76 7.36 -15.84 -1.50
C SER A 76 7.86 -14.39 -1.39
N HIS A 77 8.81 -14.13 -0.50
CA HIS A 77 9.35 -12.78 -0.36
C HIS A 77 10.80 -12.70 0.10
N VAL A 78 11.53 -11.73 -0.43
CA VAL A 78 12.85 -11.35 0.07
C VAL A 78 12.92 -9.83 -0.10
N MET A 79 13.63 -9.15 0.80
CA MET A 79 13.78 -7.69 0.74
C MET A 79 14.45 -7.24 -0.55
N PHE A 80 14.15 -6.00 -0.96
CA PHE A 80 14.67 -5.43 -2.21
C PHE A 80 15.82 -4.44 -2.04
N GLY A 81 16.24 -4.20 -0.80
CA GLY A 81 17.37 -3.33 -0.54
C GLY A 81 18.68 -4.08 -0.71
N GLY A 82 19.41 -3.75 -1.76
CA GLY A 82 20.70 -4.38 -2.04
C GLY A 82 20.58 -5.75 -2.68
N ILE A 83 19.36 -6.15 -3.02
CA ILE A 83 19.06 -7.47 -3.58
C ILE A 83 18.12 -7.36 -4.77
N THR A 84 18.24 -8.25 -5.75
CA THR A 84 17.27 -8.28 -6.83
C THR A 84 16.93 -9.75 -7.10
N HIS A 85 15.95 -9.99 -7.96
CA HIS A 85 15.48 -11.33 -8.20
C HIS A 85 14.77 -11.43 -9.54
N ALA A 86 14.63 -12.65 -10.02
CA ALA A 86 14.11 -12.91 -11.35
C ALA A 86 12.71 -12.38 -11.59
N PRO A 87 11.75 -12.62 -10.69
CA PRO A 87 10.40 -12.12 -10.89
C PRO A 87 10.35 -10.60 -11.12
N ALA A 88 11.07 -9.81 -10.32
CA ALA A 88 11.08 -8.36 -10.49
C ALA A 88 11.66 -7.97 -11.84
N ILE A 89 12.75 -8.65 -12.22
CA ILE A 89 13.42 -8.33 -13.46
C ILE A 89 12.55 -8.68 -14.67
N GLU A 90 11.99 -9.89 -14.68
CA GLU A 90 11.09 -10.31 -15.74
C GLU A 90 9.88 -9.38 -15.84
N LEU A 91 9.32 -9.00 -14.69
CA LEU A 91 8.15 -8.11 -14.71
C LEU A 91 8.51 -6.73 -15.27
N CYS A 92 9.66 -6.20 -14.85
CA CYS A 92 10.06 -4.85 -15.27
C CYS A 92 10.44 -4.85 -16.76
N ARG A 93 11.02 -5.94 -17.23
CA ARG A 93 11.30 -6.09 -18.65
C ARG A 93 10.00 -5.97 -19.46
N LYS A 94 8.95 -6.65 -19.01
CA LYS A 94 7.66 -6.63 -19.73
C LYS A 94 7.02 -5.24 -19.70
N LEU A 95 7.04 -4.60 -18.53
CA LEU A 95 6.45 -3.27 -18.36
C LEU A 95 7.12 -2.19 -19.22
N VAL A 96 8.44 -2.24 -19.31
CA VAL A 96 9.17 -1.30 -20.13
C VAL A 96 8.86 -1.52 -21.62
N ALA A 97 8.86 -2.79 -22.03
CA ALA A 97 8.63 -3.16 -23.42
C ALA A 97 7.21 -2.85 -23.90
N MET A 98 6.21 -3.06 -23.05
CA MET A 98 4.82 -2.88 -23.45
C MET A 98 4.33 -1.42 -23.43
N THR A 99 5.04 -0.54 -22.75
CA THR A 99 4.65 0.86 -22.64
C THR A 99 5.45 1.69 -23.62
N PRO A 100 5.04 2.92 -23.87
CA PRO A 100 5.80 3.81 -24.76
C PRO A 100 7.29 3.86 -24.44
N GLN A 101 8.11 3.91 -25.50
CA GLN A 101 9.56 3.88 -25.37
C GLN A 101 10.24 4.72 -24.30
N PRO A 102 9.81 5.97 -24.11
CA PRO A 102 10.42 6.83 -23.09
C PRO A 102 10.25 6.30 -21.67
N LEU A 103 9.16 5.59 -21.41
CA LEU A 103 8.91 5.05 -20.08
C LEU A 103 9.77 3.79 -19.91
N GLU A 104 10.94 3.95 -19.30
CA GLU A 104 11.88 2.84 -19.22
C GLU A 104 12.47 2.63 -17.83
N CYS A 105 11.96 3.35 -16.82
CA CYS A 105 12.43 3.16 -15.45
C CYS A 105 11.20 2.80 -14.59
N VAL A 106 11.32 1.77 -13.77
CA VAL A 106 10.16 1.23 -13.05
C VAL A 106 10.36 1.26 -11.55
N PHE A 107 9.34 1.81 -10.84
CA PHE A 107 9.29 1.81 -9.38
C PHE A 107 8.09 0.98 -8.95
N LEU A 108 8.38 -0.24 -8.52
CA LEU A 108 7.34 -1.12 -8.02
C LEU A 108 6.88 -0.71 -6.63
N ALA A 109 5.61 -0.88 -6.34
CA ALA A 109 5.13 -0.58 -5.00
C ALA A 109 3.95 -1.49 -4.66
N ASP A 110 3.29 -1.22 -3.54
CA ASP A 110 2.30 -2.14 -3.01
C ASP A 110 0.85 -1.92 -3.45
N SER A 111 0.46 -0.70 -3.82
CA SER A 111 -0.93 -0.47 -4.16
C SER A 111 -1.11 0.77 -5.06
N GLY A 112 -2.32 0.93 -5.59
CA GLY A 112 -2.63 2.01 -6.51
C GLY A 112 -2.43 3.37 -5.87
N SER A 113 -2.95 3.56 -4.66
CA SER A 113 -2.78 4.84 -3.97
C SER A 113 -1.30 5.13 -3.78
N VAL A 114 -0.53 4.13 -3.40
CA VAL A 114 0.90 4.34 -3.22
C VAL A 114 1.61 4.66 -4.55
N ALA A 115 1.18 4.04 -5.64
CA ALA A 115 1.75 4.32 -6.95
C ALA A 115 1.52 5.77 -7.36
N VAL A 116 0.36 6.30 -6.99
CA VAL A 116 0.03 7.71 -7.25
C VAL A 116 0.88 8.61 -6.36
N GLU A 117 1.01 8.25 -5.08
CA GLU A 117 1.88 8.99 -4.15
C GLU A 117 3.32 9.01 -4.69
N VAL A 118 3.76 7.88 -5.26
CA VAL A 118 5.09 7.79 -5.83
C VAL A 118 5.25 8.72 -7.04
N ALA A 119 4.25 8.73 -7.91
CA ALA A 119 4.27 9.60 -9.09
C ALA A 119 4.30 11.07 -8.68
N MET A 120 3.54 11.40 -7.65
CA MET A 120 3.48 12.78 -7.15
C MET A 120 4.83 13.16 -6.55
N LYS A 121 5.42 12.25 -5.77
CA LYS A 121 6.72 12.52 -5.17
C LYS A 121 7.79 12.67 -6.23
N MET A 122 7.69 11.85 -7.28
CA MET A 122 8.63 11.95 -8.40
C MET A 122 8.62 13.35 -9.01
N ALA A 123 7.43 13.86 -9.28
CA ALA A 123 7.28 15.20 -9.87
C ALA A 123 7.85 16.29 -8.95
N LEU A 124 7.53 16.22 -7.67
CA LEU A 124 8.02 17.21 -6.71
C LEU A 124 9.54 17.17 -6.61
N GLN A 125 10.08 15.95 -6.43
CA GLN A 125 11.54 15.80 -6.33
C GLN A 125 12.25 16.22 -7.61
N TYR A 126 11.63 15.95 -8.75
CA TYR A 126 12.19 16.32 -10.04
C TYR A 126 12.44 17.83 -10.05
N TRP A 127 11.40 18.61 -9.80
CA TRP A 127 11.54 20.06 -9.80
C TRP A 127 12.43 20.61 -8.70
N GLN A 128 12.42 19.97 -7.52
CA GLN A 128 13.31 20.36 -6.43
C GLN A 128 14.76 20.24 -6.91
N ALA A 129 15.03 19.21 -7.73
CA ALA A 129 16.36 18.94 -8.24
C ALA A 129 16.75 19.93 -9.34
N LYS A 130 15.77 20.40 -10.09
CA LYS A 130 16.00 21.37 -11.13
C LYS A 130 15.96 22.78 -10.56
N GLY A 131 15.72 22.87 -9.26
CA GLY A 131 15.66 24.14 -8.58
C GLY A 131 14.49 25.00 -9.04
N GLU A 132 13.39 24.35 -9.43
CA GLU A 132 12.20 25.07 -9.88
C GLU A 132 11.14 25.01 -8.78
N ALA A 133 10.63 26.17 -8.38
CA ALA A 133 9.61 26.23 -7.33
C ALA A 133 8.24 25.84 -7.90
N ARG A 134 7.99 24.54 -7.95
CA ARG A 134 6.76 24.01 -8.50
C ARG A 134 6.20 22.95 -7.55
N GLN A 135 5.02 23.21 -6.97
CA GLN A 135 4.42 22.26 -6.06
C GLN A 135 2.93 22.04 -6.28
N ARG A 136 2.39 22.60 -7.34
CA ARG A 136 0.96 22.42 -7.62
C ARG A 136 0.73 21.31 -8.62
N PHE A 137 -0.39 20.62 -8.45
CA PHE A 137 -0.82 19.67 -9.44
C PHE A 137 -2.08 20.21 -10.07
N LEU A 138 -2.19 20.03 -11.37
CA LEU A 138 -3.35 20.42 -12.12
C LEU A 138 -4.07 19.14 -12.53
N THR A 139 -5.35 19.05 -12.20
CA THR A 139 -6.12 17.86 -12.54
C THR A 139 -7.54 18.22 -13.00
N PHE A 140 -8.33 17.19 -13.31
CA PHE A 140 -9.70 17.35 -13.75
C PHE A 140 -10.66 17.14 -12.60
N ARG A 141 -11.80 17.83 -12.65
CA ARG A 141 -12.88 17.55 -11.72
C ARG A 141 -13.38 16.14 -12.06
N ASN A 142 -14.04 15.50 -11.09
CA ASN A 142 -14.52 14.11 -11.21
C ASN A 142 -13.39 13.07 -11.26
N GLY A 143 -12.16 13.50 -10.97
CA GLY A 143 -11.04 12.59 -10.98
C GLY A 143 -10.95 11.83 -9.67
N TYR A 144 -10.36 10.64 -9.71
CA TYR A 144 -10.14 9.86 -8.51
C TYR A 144 -8.83 9.09 -8.63
N HIS A 145 -7.98 9.23 -7.62
CA HIS A 145 -6.64 8.66 -7.66
C HIS A 145 -6.23 7.85 -6.41
N GLY A 146 -7.14 7.60 -5.50
CA GLY A 146 -6.79 6.86 -4.29
C GLY A 146 -7.21 7.51 -2.99
N ASP A 147 -6.85 6.87 -1.88
CA ASP A 147 -7.35 7.22 -0.56
C ASP A 147 -6.31 7.75 0.43
N THR A 148 -5.03 7.70 0.09
CA THR A 148 -3.97 8.22 0.99
C THR A 148 -3.93 9.76 0.82
N PHE A 149 -3.34 10.50 1.76
CA PHE A 149 -3.41 12.01 1.79
C PHE A 149 -2.94 12.66 0.44
N GLY A 150 -1.84 12.20 -0.17
CA GLY A 150 -1.39 12.75 -1.45
C GLY A 150 -2.43 12.55 -2.53
N ALA A 151 -2.84 11.29 -2.70
CA ALA A 151 -3.87 10.92 -3.66
C ALA A 151 -5.19 11.67 -3.44
N MET A 152 -5.62 11.77 -2.18
CA MET A 152 -6.85 12.48 -1.87
C MET A 152 -6.78 13.93 -2.36
N SER A 153 -5.58 14.51 -2.27
CA SER A 153 -5.37 15.93 -2.64
C SER A 153 -5.55 16.23 -4.13
N VAL A 154 -5.65 15.19 -4.96
CA VAL A 154 -5.93 15.37 -6.39
C VAL A 154 -7.24 14.70 -6.82
N CYS A 155 -8.05 14.28 -5.84
CA CYS A 155 -9.37 13.72 -6.13
C CYS A 155 -10.36 14.88 -6.18
N ASP A 156 -11.47 14.68 -6.87
CA ASP A 156 -12.51 15.70 -6.95
C ASP A 156 -12.86 16.13 -5.53
N PRO A 157 -12.74 17.41 -5.23
CA PRO A 157 -12.99 17.90 -3.88
C PRO A 157 -14.42 17.65 -3.42
N ASP A 158 -15.35 17.53 -4.35
CA ASP A 158 -16.74 17.28 -4.01
C ASP A 158 -17.04 15.79 -3.80
N ASN A 159 -16.59 14.93 -4.70
CA ASN A 159 -16.82 13.48 -4.55
C ASN A 159 -16.09 12.90 -3.33
N SER A 160 -14.79 13.21 -3.19
CA SER A 160 -14.00 12.75 -2.04
C SER A 160 -14.18 13.61 -0.76
N MET A 161 -15.22 14.44 -0.74
CA MET A 161 -15.55 15.29 0.42
C MET A 161 -14.35 15.99 1.06
N HIS A 162 -13.65 16.84 0.31
CA HIS A 162 -12.47 17.54 0.83
C HIS A 162 -12.75 18.44 2.04
N SER A 163 -14.03 18.75 2.28
CA SER A 163 -14.40 19.57 3.43
C SER A 163 -13.96 18.92 4.74
N LEU A 164 -13.92 17.59 4.75
CA LEU A 164 -13.53 16.82 5.92
C LEU A 164 -12.09 17.08 6.33
N TRP A 165 -11.24 17.33 5.34
CA TRP A 165 -9.81 17.53 5.58
C TRP A 165 -9.37 18.95 5.23
N LYS A 166 -10.33 19.84 5.00
CA LYS A 166 -10.01 21.22 4.64
C LYS A 166 -9.01 21.76 5.66
N GLY A 167 -7.80 22.06 5.19
CA GLY A 167 -6.76 22.55 6.08
C GLY A 167 -5.57 21.62 6.15
N TYR A 168 -5.80 20.31 5.98
CA TYR A 168 -4.71 19.34 6.00
C TYR A 168 -4.22 19.06 4.57
N LEU A 169 -5.15 19.00 3.61
CA LEU A 169 -4.78 18.74 2.22
C LEU A 169 -4.24 19.99 1.54
N PRO A 170 -3.14 19.85 0.83
CA PRO A 170 -2.60 20.93 0.00
C PRO A 170 -3.65 21.29 -1.04
N GLU A 171 -3.73 22.56 -1.45
CA GLU A 171 -4.74 23.01 -2.40
C GLU A 171 -4.25 22.93 -3.85
N ASN A 172 -4.80 21.98 -4.59
CA ASN A 172 -4.41 21.80 -6.00
C ASN A 172 -5.40 22.47 -6.96
N LEU A 173 -5.08 22.45 -8.24
CA LEU A 173 -5.89 23.11 -9.25
C LEU A 173 -6.82 22.15 -9.98
N PHE A 174 -8.11 22.49 -10.00
CA PHE A 174 -9.11 21.63 -10.61
C PHE A 174 -9.81 22.26 -11.80
N ALA A 175 -9.44 21.79 -12.98
CA ALA A 175 -10.07 22.21 -14.21
C ALA A 175 -11.40 21.50 -14.31
N PRO A 176 -12.32 22.06 -15.08
CA PRO A 176 -13.62 21.44 -15.32
C PRO A 176 -13.49 20.02 -15.83
N ALA A 177 -14.45 19.18 -15.47
CA ALA A 177 -14.44 17.82 -15.95
C ALA A 177 -14.55 17.90 -17.47
N PRO A 178 -13.83 17.05 -18.19
CA PRO A 178 -13.89 17.06 -19.65
C PRO A 178 -15.33 16.83 -20.10
N GLN A 179 -15.85 17.69 -20.98
CA GLN A 179 -17.24 17.57 -21.44
C GLN A 179 -17.40 16.78 -22.74
N SER A 180 -16.47 16.94 -23.67
CA SER A 180 -16.54 16.22 -24.95
C SER A 180 -16.47 14.72 -24.68
N ARG A 181 -17.41 13.97 -25.25
CA ARG A 181 -17.51 12.52 -25.02
C ARG A 181 -16.66 11.69 -25.98
N MET A 182 -16.31 10.49 -25.53
CA MET A 182 -15.51 9.55 -26.31
C MET A 182 -16.27 9.12 -27.55
N GLY A 184 -18.16 10.75 -29.56
CA GLY A 184 -18.67 12.12 -29.54
C GLY A 184 -17.80 13.06 -30.35
N GLU A 185 -18.21 14.33 -30.38
CA GLU A 185 -17.46 15.35 -31.12
C GLU A 185 -16.74 16.29 -30.16
N TRP A 186 -15.68 16.91 -30.64
CA TRP A 186 -14.87 17.83 -29.84
C TRP A 186 -15.37 19.27 -29.97
N ASP A 187 -15.56 19.92 -28.84
CA ASP A 187 -15.98 21.31 -28.79
C ASP A 187 -14.85 22.12 -28.16
N GLU A 188 -14.39 23.16 -28.85
CA GLU A 188 -13.27 23.97 -28.39
C GLU A 188 -13.62 24.73 -27.11
N ARG A 189 -14.91 24.98 -26.92
CA ARG A 189 -15.44 25.61 -25.72
C ARG A 189 -14.93 24.88 -24.46
N ASP A 190 -14.71 23.57 -24.62
CA ASP A 190 -14.31 22.71 -23.51
C ASP A 190 -12.96 23.05 -22.89
N MET A 191 -12.01 23.52 -23.69
CA MET A 191 -10.64 23.80 -23.25
C MET A 191 -10.49 25.07 -22.42
N VAL A 192 -11.48 25.94 -22.53
CA VAL A 192 -11.44 27.25 -21.90
C VAL A 192 -11.05 27.24 -20.40
N GLY A 193 -11.70 26.38 -19.61
CA GLY A 193 -11.42 26.32 -18.19
C GLY A 193 -10.00 25.86 -17.88
N PHE A 194 -9.57 24.81 -18.57
CA PHE A 194 -8.22 24.27 -18.40
C PHE A 194 -7.18 25.31 -18.79
N ALA A 195 -7.37 25.95 -19.93
CA ALA A 195 -6.43 26.97 -20.41
C ALA A 195 -6.29 28.10 -19.40
N ARG A 196 -7.41 28.55 -18.85
CA ARG A 196 -7.47 29.54 -17.89
C ARG A 196 -6.53 29.28 -16.66
N LEU A 197 -6.65 28.06 -16.15
CA LEU A 197 -5.81 27.66 -15.03
C LEU A 197 -4.35 27.54 -15.44
N MET A 198 -4.10 27.03 -16.65
CA MET A 198 -2.72 26.87 -17.11
C MET A 198 -2.00 28.23 -17.22
N ALA A 199 -2.69 29.24 -17.74
CA ALA A 199 -2.09 30.56 -17.94
C ALA A 199 -1.73 31.24 -16.64
N ALA A 200 -2.62 31.12 -15.67
CA ALA A 200 -2.43 31.76 -14.37
C ALA A 200 -1.44 30.99 -13.48
N HIS A 201 -1.26 29.69 -13.74
CA HIS A 201 -0.46 28.86 -12.83
C HIS A 201 0.67 28.04 -13.48
N ARG A 202 0.90 28.22 -14.78
CA ARG A 202 1.93 27.48 -15.51
C ARG A 202 3.34 27.50 -14.88
N HIS A 203 3.68 28.56 -14.16
CA HIS A 203 4.99 28.69 -13.51
C HIS A 203 5.16 27.86 -12.24
N GLU A 204 4.05 27.39 -11.66
CA GLU A 204 4.11 26.67 -10.39
C GLU A 204 3.57 25.24 -10.40
N ILE A 205 3.12 24.77 -11.55
CA ILE A 205 2.59 23.41 -11.70
C ILE A 205 3.70 22.41 -11.90
N ALA A 206 3.78 21.45 -10.99
CA ALA A 206 4.77 20.38 -11.08
C ALA A 206 4.33 19.38 -12.13
N ALA A 207 3.04 19.05 -12.11
CA ALA A 207 2.49 18.08 -13.03
C ALA A 207 1.00 18.22 -13.22
N VAL A 208 0.56 17.75 -14.38
CA VAL A 208 -0.83 17.55 -14.71
C VAL A 208 -1.07 16.06 -14.45
N ILE A 209 -2.13 15.72 -13.71
CA ILE A 209 -2.45 14.33 -13.47
C ILE A 209 -3.90 14.05 -13.82
N ILE A 210 -4.11 13.02 -14.64
CA ILE A 210 -5.46 12.64 -15.05
C ILE A 210 -5.56 11.15 -15.29
N GLU A 211 -6.80 10.66 -15.22
CA GLU A 211 -7.13 9.32 -15.64
C GLU A 211 -7.43 9.48 -17.14
N PRO A 212 -6.72 8.78 -18.00
CA PRO A 212 -6.93 8.90 -19.44
C PRO A 212 -8.19 8.22 -19.97
N ILE A 213 -9.00 9.00 -20.70
CA ILE A 213 -10.21 8.55 -21.39
C ILE A 213 -11.39 8.24 -20.46
N VAL A 214 -11.12 7.52 -19.36
CA VAL A 214 -12.18 7.16 -18.43
C VAL A 214 -11.88 7.61 -17.01
N GLN A 215 -12.80 8.39 -16.44
CA GLN A 215 -12.74 8.78 -15.05
C GLN A 215 -13.64 7.74 -14.36
N GLY A 216 -13.02 6.85 -13.59
CA GLY A 216 -13.72 5.73 -13.00
C GLY A 216 -14.61 6.02 -11.80
N ALA A 217 -14.02 5.93 -10.62
CA ALA A 217 -14.77 6.07 -9.37
C ALA A 217 -15.48 7.41 -9.25
N GLY A 218 -14.99 8.41 -9.99
CA GLY A 218 -15.56 9.75 -9.98
C GLY A 218 -16.77 9.94 -10.89
N GLY A 219 -17.24 8.87 -11.53
CA GLY A 219 -18.45 8.98 -12.33
C GLY A 219 -18.50 8.16 -13.61
N MET A 220 -17.54 7.29 -13.85
CA MET A 220 -17.53 6.44 -15.05
C MET A 220 -17.75 7.29 -16.30
N ARG A 221 -16.99 8.37 -16.39
CA ARG A 221 -17.10 9.30 -17.50
C ARG A 221 -16.14 8.89 -18.60
N MET A 222 -16.56 9.03 -19.84
CA MET A 222 -15.77 8.62 -21.00
C MET A 222 -15.58 9.84 -21.90
N TYR A 223 -14.38 10.40 -21.94
CA TYR A 223 -14.17 11.64 -22.68
C TYR A 223 -13.33 11.50 -23.95
N HIS A 224 -13.29 12.57 -24.73
CA HIS A 224 -12.64 12.58 -26.04
C HIS A 224 -11.11 12.58 -25.96
N PRO A 225 -10.44 11.70 -26.71
CA PRO A 225 -8.97 11.62 -26.70
C PRO A 225 -8.27 12.92 -27.11
N GLU A 226 -8.92 13.79 -27.86
CA GLU A 226 -8.31 15.06 -28.22
C GLU A 226 -7.79 15.75 -26.96
N TRP A 227 -8.49 15.54 -25.84
CA TRP A 227 -8.06 16.10 -24.56
C TRP A 227 -6.63 15.70 -24.22
N LEU A 228 -6.31 14.42 -24.40
CA LEU A 228 -4.98 13.93 -24.08
C LEU A 228 -3.96 14.52 -25.05
N LYS A 229 -4.34 14.62 -26.32
CA LYS A 229 -3.46 15.24 -27.32
C LYS A 229 -3.13 16.67 -26.90
N ARG A 230 -4.14 17.46 -26.58
CA ARG A 230 -3.94 18.86 -26.20
C ARG A 230 -3.13 18.98 -24.90
N ILE A 231 -3.45 18.14 -23.92
CA ILE A 231 -2.72 18.18 -22.67
C ILE A 231 -1.26 17.81 -22.87
N ARG A 232 -0.97 16.80 -23.69
CA ARG A 232 0.43 16.43 -23.95
C ARG A 232 1.19 17.60 -24.60
N LYS A 233 0.54 18.24 -25.57
CA LYS A 233 1.11 19.38 -26.27
C LYS A 233 1.34 20.56 -25.30
N ILE A 234 0.34 20.85 -24.47
CA ILE A 234 0.45 21.93 -23.48
C ILE A 234 1.56 21.66 -22.47
N CYS A 235 1.64 20.43 -21.98
CA CYS A 235 2.71 20.06 -21.05
C CYS A 235 4.08 20.21 -21.73
N ASP A 236 4.15 19.76 -22.98
CA ASP A 236 5.38 19.86 -23.77
C ASP A 236 5.88 21.29 -23.88
N ARG A 237 4.96 22.20 -24.17
CA ARG A 237 5.30 23.60 -24.36
C ARG A 237 5.68 24.29 -23.06
N GLU A 238 4.97 23.97 -21.98
CA GLU A 238 5.21 24.63 -20.70
C GLU A 238 6.32 23.97 -19.89
N GLY A 239 6.76 22.79 -20.32
CA GLY A 239 7.79 22.04 -19.63
C GLY A 239 7.26 21.31 -18.40
N ILE A 240 5.96 21.05 -18.39
CA ILE A 240 5.31 20.40 -17.25
C ILE A 240 5.25 18.87 -17.44
N LEU A 241 5.34 18.13 -16.34
CA LEU A 241 5.25 16.67 -16.43
C LEU A 241 3.80 16.22 -16.55
N LEU A 242 3.55 15.16 -17.31
CA LEU A 242 2.21 14.60 -17.42
C LEU A 242 2.21 13.22 -16.74
N ILE A 243 1.33 13.07 -15.75
CA ILE A 243 1.12 11.79 -15.06
C ILE A 243 -0.20 11.18 -15.56
N ALA A 244 -0.14 9.96 -16.08
CA ALA A 244 -1.33 9.27 -16.52
C ALA A 244 -1.62 8.18 -15.50
N ASP A 245 -2.76 8.27 -14.82
CA ASP A 245 -3.14 7.24 -13.86
C ASP A 245 -3.93 6.17 -14.59
N GLU A 246 -3.28 5.06 -14.92
CA GLU A 246 -3.93 3.96 -15.60
C GLU A 246 -4.15 2.74 -14.71
N ILE A 247 -4.29 2.98 -13.43
CA ILE A 247 -4.53 1.88 -12.49
C ILE A 247 -5.86 1.18 -12.83
N ALA A 248 -6.84 1.93 -13.32
CA ALA A 248 -8.12 1.35 -13.71
C ALA A 248 -8.20 1.02 -15.20
N THR A 249 -7.64 1.89 -16.05
CA THR A 249 -7.75 1.74 -17.52
C THR A 249 -6.73 0.79 -18.16
N GLY A 250 -5.63 0.50 -17.46
CA GLY A 250 -4.54 -0.27 -18.02
C GLY A 250 -4.81 -1.74 -18.26
N PHE A 251 -4.03 -2.33 -19.15
CA PHE A 251 -4.11 -3.75 -19.47
C PHE A 251 -5.39 -4.15 -20.18
N GLY A 252 -5.78 -3.30 -21.13
CA GLY A 252 -6.82 -3.64 -22.10
C GLY A 252 -8.25 -3.19 -21.86
N ARG A 253 -8.57 -2.76 -20.65
CA ARG A 253 -9.95 -2.46 -20.26
C ARG A 253 -10.76 -1.59 -21.24
N THR A 254 -10.15 -0.58 -21.83
CA THR A 254 -10.86 0.36 -22.71
C THR A 254 -10.81 -0.02 -24.19
N GLY A 255 -10.22 -1.17 -24.50
CA GLY A 255 -10.14 -1.63 -25.86
C GLY A 255 -8.75 -1.53 -26.44
N LYS A 256 -7.89 -0.80 -25.74
CA LYS A 256 -6.49 -0.69 -26.11
C LYS A 256 -5.65 -1.07 -24.88
N LEU A 257 -4.41 -1.51 -25.11
CA LEU A 257 -3.58 -2.00 -24.02
C LEU A 257 -3.51 -1.00 -22.87
N PHE A 258 -3.26 0.26 -23.21
CA PHE A 258 -3.26 1.35 -22.26
C PHE A 258 -4.15 2.42 -22.89
N ALA A 259 -4.93 3.13 -22.09
CA ALA A 259 -5.86 4.15 -22.62
C ALA A 259 -5.17 5.31 -23.32
N CYS A 260 -3.91 5.58 -22.99
CA CYS A 260 -3.17 6.67 -23.63
C CYS A 260 -3.06 6.43 -25.14
N GLU A 261 -3.12 5.17 -25.55
CA GLU A 261 -3.06 4.80 -26.97
C GLU A 261 -4.19 5.41 -27.79
N HIS A 262 -5.35 5.63 -27.18
CA HIS A 262 -6.47 6.24 -27.90
C HIS A 262 -6.08 7.60 -28.47
N ALA A 263 -5.08 8.25 -27.86
CA ALA A 263 -4.66 9.58 -28.30
C ALA A 263 -3.24 9.56 -28.83
N GLU A 264 -2.65 8.37 -28.84
CA GLU A 264 -1.28 8.19 -29.27
C GLU A 264 -0.35 9.18 -28.58
N ILE A 265 -0.37 9.18 -27.25
CA ILE A 265 0.47 10.06 -26.45
C ILE A 265 1.16 9.20 -25.41
N ALA A 266 2.29 9.69 -24.92
CA ALA A 266 3.01 9.05 -23.84
C ALA A 266 3.12 10.06 -22.71
N PRO A 267 2.81 9.64 -21.49
CA PRO A 267 2.99 10.52 -20.34
C PRO A 267 4.44 10.46 -19.88
N ASP A 268 4.82 11.33 -18.97
CA ASP A 268 6.15 11.32 -18.37
C ASP A 268 6.19 10.30 -17.24
N ILE A 269 5.05 10.12 -16.57
CA ILE A 269 4.93 9.18 -15.46
C ILE A 269 3.63 8.38 -15.63
N LEU A 270 3.72 7.06 -15.49
CA LEU A 270 2.56 6.18 -15.70
C LEU A 270 2.30 5.30 -14.48
N CYS A 271 1.07 5.34 -13.95
CA CYS A 271 0.72 4.54 -12.76
C CYS A 271 -0.12 3.36 -13.15
N LEU A 272 0.23 2.20 -12.60
CA LEU A 272 -0.44 0.96 -12.90
C LEU A 272 -0.69 0.12 -11.64
N GLY A 273 -1.72 -0.71 -11.70
CA GLY A 273 -2.10 -1.56 -10.59
C GLY A 273 -3.23 -2.49 -11.02
N LYS A 274 -4.08 -2.86 -10.06
CA LYS A 274 -5.26 -3.69 -10.31
C LYS A 274 -4.97 -4.90 -11.19
N ALA A 275 -5.32 -4.82 -12.47
CA ALA A 275 -5.13 -5.93 -13.42
C ALA A 275 -3.68 -6.35 -13.63
N LEU A 276 -2.75 -5.53 -13.15
CA LEU A 276 -1.33 -5.84 -13.19
C LEU A 276 -1.06 -7.27 -12.71
N THR A 277 -1.71 -7.68 -11.60
CA THR A 277 -1.52 -9.02 -11.05
C THR A 277 -2.64 -9.98 -11.41
N GLY A 278 -3.50 -9.60 -12.35
CA GLY A 278 -4.67 -10.39 -12.66
C GLY A 278 -5.62 -10.40 -11.47
N GLY A 279 -5.55 -9.36 -10.62
CA GLY A 279 -6.43 -9.29 -9.44
C GLY A 279 -6.26 -10.44 -8.45
N THR A 280 -5.04 -10.97 -8.29
CA THR A 280 -4.78 -12.06 -7.38
C THR A 280 -4.29 -11.60 -6.01
N MET A 281 -3.66 -10.43 -5.99
CA MET A 281 -3.03 -9.88 -4.79
C MET A 281 -2.54 -8.50 -5.17
N THR A 282 -2.15 -7.71 -4.18
CA THR A 282 -1.83 -6.32 -4.46
C THR A 282 -0.39 -6.09 -4.91
N LEU A 283 -0.25 -5.21 -5.90
CA LEU A 283 1.04 -4.77 -6.42
C LEU A 283 0.73 -3.55 -7.29
N SER A 284 1.70 -2.64 -7.42
CA SER A 284 1.55 -1.49 -8.31
C SER A 284 2.90 -1.23 -8.99
N ALA A 285 2.88 -0.41 -10.05
CA ALA A 285 4.10 0.02 -10.71
C ALA A 285 3.89 1.47 -11.19
N THR A 286 4.94 2.27 -11.04
CA THR A 286 4.97 3.64 -11.54
C THR A 286 6.19 3.75 -12.43
N LEU A 287 5.96 3.98 -13.72
CA LEU A 287 7.03 4.10 -14.71
C LEU A 287 7.28 5.57 -14.99
N THR A 288 8.52 5.89 -15.30
CA THR A 288 8.88 7.24 -15.70
C THR A 288 10.06 7.16 -16.65
N THR A 289 10.56 8.32 -17.06
CA THR A 289 11.64 8.43 -18.04
C THR A 289 12.99 8.50 -17.35
N ARG A 290 14.09 8.30 -18.07
CA ARG A 290 15.39 8.44 -17.41
C ARG A 290 15.62 9.90 -17.02
N GLU A 291 15.12 10.83 -17.82
CA GLU A 291 15.26 12.24 -17.51
C GLU A 291 14.76 12.49 -16.11
N VAL A 292 13.57 11.97 -15.82
CA VAL A 292 13.02 12.13 -14.49
C VAL A 292 13.83 11.36 -13.45
N ALA A 293 14.07 10.08 -13.71
CA ALA A 293 14.74 9.21 -12.76
C ALA A 293 16.17 9.66 -12.41
N GLU A 294 16.93 10.07 -13.42
CA GLU A 294 18.31 10.52 -13.20
C GLU A 294 18.38 11.88 -12.53
N THR A 295 17.60 12.83 -13.02
CA THR A 295 17.56 14.16 -12.43
C THR A 295 17.36 14.07 -10.92
N ILE A 296 16.39 13.27 -10.50
CA ILE A 296 16.12 13.07 -9.08
C ILE A 296 17.35 12.55 -8.32
N SER A 297 17.98 11.51 -8.84
CA SER A 297 19.15 10.93 -8.20
C SER A 297 20.33 11.90 -8.17
N ASN A 298 20.39 12.80 -9.14
CA ASN A 298 21.48 13.79 -9.18
C ASN A 298 21.19 15.02 -8.33
N GLY A 299 20.02 15.05 -7.72
CA GLY A 299 19.64 16.15 -6.85
C GLY A 299 20.22 16.03 -5.45
N GLU A 300 19.82 16.95 -4.58
CA GLU A 300 20.33 17.04 -3.22
C GLU A 300 20.15 15.77 -2.39
N ALA A 301 19.10 15.02 -2.65
CA ALA A 301 18.81 13.83 -1.86
C ALA A 301 19.61 12.61 -2.30
N GLY A 302 20.11 12.63 -3.55
CA GLY A 302 20.92 11.55 -4.08
C GLY A 302 20.16 10.32 -4.57
N CYS A 303 18.84 10.32 -4.38
CA CYS A 303 18.03 9.19 -4.79
C CYS A 303 16.59 9.60 -4.73
N PHE A 304 15.72 8.80 -5.35
CA PHE A 304 14.29 9.01 -5.22
C PHE A 304 13.93 8.51 -3.80
N MET A 305 13.38 9.40 -2.99
CA MET A 305 13.16 9.14 -1.58
C MET A 305 11.88 8.33 -1.30
N HIS A 306 11.92 7.06 -1.65
CA HIS A 306 10.80 6.17 -1.37
C HIS A 306 11.29 4.73 -1.39
N GLY A 307 10.60 3.86 -0.67
CA GLY A 307 10.97 2.45 -0.63
C GLY A 307 10.25 1.66 0.45
N PRO A 308 9.07 1.15 0.14
CA PRO A 308 8.25 0.42 1.11
C PRO A 308 8.83 -0.94 1.44
N THR A 309 8.49 -1.46 2.61
CA THR A 309 9.06 -2.73 3.09
C THR A 309 9.00 -3.87 2.11
N PHE A 310 7.84 -4.07 1.50
CA PHE A 310 7.62 -5.22 0.63
C PHE A 310 7.84 -4.89 -0.85
N MET A 311 8.54 -3.78 -1.13
CA MET A 311 8.83 -3.39 -2.50
C MET A 311 9.40 -4.57 -3.29
N GLY A 312 8.88 -4.80 -4.50
CA GLY A 312 9.38 -5.84 -5.38
C GLY A 312 8.99 -7.27 -5.02
N ASN A 313 8.07 -7.44 -4.08
CA ASN A 313 7.67 -8.76 -3.60
C ASN A 313 7.65 -9.82 -4.69
N PRO A 314 8.55 -10.79 -4.60
CA PRO A 314 8.62 -11.90 -5.56
C PRO A 314 7.28 -12.55 -5.91
N LEU A 315 6.46 -12.90 -4.93
CA LEU A 315 5.19 -13.57 -5.22
C LEU A 315 4.28 -12.72 -6.11
N ALA A 316 4.07 -11.48 -5.72
CA ALA A 316 3.23 -10.57 -6.50
C ALA A 316 3.80 -10.35 -7.91
N CYS A 317 5.11 -10.19 -8.04
CA CYS A 317 5.71 -10.02 -9.36
C CYS A 317 5.50 -11.23 -10.25
N ALA A 318 5.58 -12.43 -9.67
CA ALA A 318 5.38 -13.66 -10.41
C ALA A 318 3.94 -13.77 -10.92
N ALA A 319 2.99 -13.38 -10.06
CA ALA A 319 1.59 -13.34 -10.45
C ALA A 319 1.40 -12.34 -11.60
N ALA A 320 2.04 -11.18 -11.50
CA ALA A 320 1.94 -10.14 -12.50
C ALA A 320 2.55 -10.62 -13.84
N ASN A 321 3.68 -11.31 -13.73
CA ASN A 321 4.32 -11.88 -14.91
C ASN A 321 3.39 -12.81 -15.65
N ALA A 322 2.70 -13.66 -14.89
CA ALA A 322 1.75 -14.60 -15.47
C ALA A 322 0.56 -13.86 -16.08
N SER A 323 0.09 -12.81 -15.41
CA SER A 323 -1.02 -12.03 -15.92
C SER A 323 -0.65 -11.34 -17.24
N LEU A 324 0.54 -10.76 -17.30
CA LEU A 324 1.00 -10.10 -18.53
C LEU A 324 1.23 -11.12 -19.63
N ALA A 325 1.63 -12.33 -19.24
CA ALA A 325 1.89 -13.40 -20.21
C ALA A 325 0.60 -13.78 -20.91
N ILE A 326 -0.50 -13.82 -20.16
CA ILE A 326 -1.79 -14.16 -20.76
C ILE A 326 -2.15 -13.09 -21.80
N LEU A 327 -1.90 -11.82 -21.46
CA LEU A 327 -2.21 -10.72 -22.37
C LEU A 327 -1.35 -10.79 -23.63
N GLU A 328 -0.17 -11.40 -23.51
CA GLU A 328 0.76 -11.52 -24.63
C GLU A 328 0.19 -12.34 -25.80
N SER A 329 -0.72 -13.25 -25.51
CA SER A 329 -1.38 -14.02 -26.56
C SER A 329 -2.10 -13.06 -27.49
N GLY A 330 -2.57 -11.93 -26.96
CA GLY A 330 -3.27 -10.93 -27.75
C GLY A 330 -4.77 -11.15 -27.83
N ASP A 331 -5.23 -12.26 -27.27
CA ASP A 331 -6.64 -12.66 -27.30
C ASP A 331 -7.59 -11.62 -26.66
N TRP A 332 -7.06 -10.79 -25.76
CA TRP A 332 -7.87 -9.79 -25.07
C TRP A 332 -8.48 -8.75 -26.02
N GLN A 333 -7.79 -8.47 -27.12
CA GLN A 333 -8.25 -7.45 -28.06
C GLN A 333 -9.62 -7.80 -28.63
N GLN A 334 -9.79 -9.03 -29.09
CA GLN A 334 -11.07 -9.43 -29.66
C GLN A 334 -12.08 -9.72 -28.56
N GLN A 335 -11.58 -10.14 -27.40
CA GLN A 335 -12.46 -10.43 -26.27
C GLN A 335 -13.15 -9.15 -25.81
N VAL A 336 -12.36 -8.08 -25.67
CA VAL A 336 -12.88 -6.79 -25.24
C VAL A 336 -13.73 -6.17 -26.35
N ALA A 337 -13.31 -6.32 -27.60
CA ALA A 337 -14.09 -5.80 -28.72
C ALA A 337 -15.48 -6.47 -28.75
N ASP A 338 -15.51 -7.78 -28.55
CA ASP A 338 -16.75 -8.54 -28.56
C ASP A 338 -17.64 -8.17 -27.37
N ILE A 339 -17.01 -7.85 -26.24
CA ILE A 339 -17.74 -7.47 -25.04
C ILE A 339 -18.39 -6.12 -25.28
N GLU A 340 -17.62 -5.20 -25.86
CA GLU A 340 -18.09 -3.86 -26.19
C GLU A 340 -19.35 -3.92 -27.05
N VAL A 341 -19.29 -4.72 -28.11
CA VAL A 341 -20.43 -4.90 -28.99
C VAL A 341 -21.66 -5.40 -28.23
N GLN A 342 -21.47 -6.42 -27.41
CA GLN A 342 -22.56 -7.01 -26.65
C GLN A 342 -23.13 -6.04 -25.62
N LEU A 343 -22.24 -5.28 -24.97
CA LEU A 343 -22.67 -4.29 -24.00
C LEU A 343 -23.51 -3.21 -24.66
N ARG A 344 -23.02 -2.67 -25.77
CA ARG A 344 -23.72 -1.62 -26.48
C ARG A 344 -25.09 -2.14 -26.97
N GLU A 345 -25.15 -3.42 -27.35
CA GLU A 345 -26.40 -4.02 -27.83
C GLU A 345 -27.39 -4.28 -26.70
N GLN A 346 -26.90 -4.92 -25.65
CA GLN A 346 -27.76 -5.37 -24.56
C GLN A 346 -28.14 -4.27 -23.57
N LEU A 347 -27.39 -3.17 -23.54
CA LEU A 347 -27.73 -2.07 -22.63
C LEU A 347 -28.63 -1.01 -23.27
N ALA A 348 -28.71 -1.02 -24.60
CA ALA A 348 -29.49 -0.03 -25.34
C ALA A 348 -30.95 0.06 -24.88
N PRO A 349 -31.61 -1.06 -24.58
CA PRO A 349 -33.00 -0.99 -24.07
C PRO A 349 -33.16 -0.15 -22.80
N ALA A 350 -32.11 -0.04 -22.00
CA ALA A 350 -32.16 0.74 -20.75
C ALA A 350 -32.55 2.19 -21.04
N ARG A 351 -32.34 2.63 -22.27
CA ARG A 351 -32.67 3.97 -22.71
C ARG A 351 -34.18 4.21 -22.81
N ASP A 352 -34.98 3.16 -22.65
CA ASP A 352 -36.42 3.29 -22.69
C ASP A 352 -37.00 3.28 -21.27
N ALA A 353 -36.15 3.06 -20.27
CA ALA A 353 -36.55 2.98 -18.87
C ALA A 353 -36.63 4.36 -18.20
N GLU A 354 -37.66 4.54 -17.39
CA GLU A 354 -37.92 5.80 -16.68
C GLU A 354 -36.77 6.25 -15.76
N MET A 355 -36.12 5.29 -15.11
CA MET A 355 -35.05 5.58 -14.14
C MET A 355 -33.68 5.90 -14.75
N VAL A 356 -33.54 5.81 -16.06
CA VAL A 356 -32.23 5.96 -16.68
C VAL A 356 -31.92 7.36 -17.20
N ALA A 357 -30.70 7.82 -16.91
CA ALA A 357 -30.23 9.12 -17.37
C ALA A 357 -29.34 8.97 -18.61
N ASP A 358 -28.48 7.96 -18.62
CA ASP A 358 -27.57 7.80 -19.76
C ASP A 358 -27.07 6.37 -19.86
N VAL A 359 -26.72 5.95 -21.08
CA VAL A 359 -26.12 4.65 -21.30
C VAL A 359 -24.86 4.90 -22.12
N ARG A 360 -23.73 4.36 -21.67
CA ARG A 360 -22.47 4.55 -22.39
C ARG A 360 -21.56 3.34 -22.22
N VAL A 361 -20.84 3.01 -23.28
CA VAL A 361 -20.00 1.82 -23.30
C VAL A 361 -18.65 2.11 -23.94
N LEU A 362 -17.59 1.53 -23.38
CA LEU A 362 -16.24 1.63 -23.95
C LEU A 362 -15.45 0.38 -23.56
N GLY A 363 -15.06 -0.41 -24.56
CA GLY A 363 -14.36 -1.66 -24.31
C GLY A 363 -15.19 -2.53 -23.39
N ALA A 364 -14.58 -3.04 -22.33
CA ALA A 364 -15.28 -3.89 -21.39
C ALA A 364 -15.80 -3.09 -20.18
N ILE A 365 -16.34 -1.90 -20.46
CA ILE A 365 -16.95 -1.04 -19.46
C ILE A 365 -18.34 -0.66 -19.99
N GLY A 366 -19.39 -1.02 -19.25
CA GLY A 366 -20.76 -0.73 -19.63
C GLY A 366 -21.45 -0.03 -18.50
N VAL A 367 -21.94 1.17 -18.78
CA VAL A 367 -22.51 2.01 -17.75
C VAL A 367 -23.95 2.41 -18.02
N VAL A 368 -24.77 2.24 -16.99
CA VAL A 368 -26.14 2.73 -16.98
C VAL A 368 -26.23 3.76 -15.85
N GLU A 369 -26.24 5.04 -16.21
CA GLU A 369 -26.39 6.12 -15.24
C GLU A 369 -27.87 6.34 -14.98
N THR A 370 -28.25 6.45 -13.71
CA THR A 370 -29.65 6.60 -13.35
C THR A 370 -29.96 8.04 -12.89
N THR A 371 -31.23 8.39 -12.90
CA THR A 371 -31.66 9.75 -12.55
C THR A 371 -31.63 9.98 -11.06
N HIS A 372 -31.75 8.90 -10.29
CA HIS A 372 -31.74 8.98 -8.84
C HIS A 372 -30.70 8.01 -8.26
N PRO A 373 -30.24 8.30 -7.04
CA PRO A 373 -29.28 7.43 -6.35
C PRO A 373 -29.81 6.01 -6.20
N VAL A 374 -28.94 5.03 -6.36
CA VAL A 374 -29.35 3.65 -6.21
C VAL A 374 -29.45 3.31 -4.72
N ASN A 375 -30.29 2.33 -4.39
CA ASN A 375 -30.35 1.76 -3.04
C ASN A 375 -29.40 0.57 -3.10
N MET A 376 -28.15 0.77 -2.67
CA MET A 376 -27.12 -0.26 -2.89
C MET A 376 -27.49 -1.58 -2.22
N ALA A 377 -28.05 -1.57 -1.02
CA ALA A 377 -28.40 -2.84 -0.35
C ALA A 377 -29.52 -3.60 -1.06
N ALA A 378 -30.59 -2.88 -1.42
CA ALA A 378 -31.72 -3.53 -2.08
C ALA A 378 -31.35 -4.03 -3.47
N LEU A 379 -30.59 -3.23 -4.22
CA LEU A 379 -30.21 -3.63 -5.58
C LEU A 379 -29.26 -4.84 -5.55
N GLN A 380 -28.30 -4.84 -4.63
CA GLN A 380 -27.36 -5.96 -4.53
C GLN A 380 -28.07 -7.26 -4.21
N LYS A 381 -29.08 -7.19 -3.34
CA LYS A 381 -29.85 -8.38 -2.99
C LYS A 381 -30.59 -8.87 -4.23
N PHE A 382 -31.21 -7.96 -4.95
CA PHE A 382 -31.92 -8.32 -6.17
C PHE A 382 -30.96 -9.01 -7.13
N PHE A 383 -29.78 -8.42 -7.31
CA PHE A 383 -28.81 -9.00 -8.25
C PHE A 383 -28.40 -10.40 -7.79
N VAL A 384 -28.07 -10.56 -6.51
CA VAL A 384 -27.72 -11.88 -5.99
C VAL A 384 -28.84 -12.88 -6.31
N GLU A 385 -30.09 -12.44 -6.18
CA GLU A 385 -31.24 -13.31 -6.45
C GLU A 385 -31.33 -13.70 -7.93
N GLN A 386 -30.79 -12.86 -8.81
CA GLN A 386 -30.74 -13.17 -10.23
C GLN A 386 -29.47 -13.97 -10.57
N GLY A 387 -28.71 -14.34 -9.54
CA GLY A 387 -27.49 -15.12 -9.74
C GLY A 387 -26.35 -14.33 -10.36
N VAL A 388 -26.26 -13.03 -10.02
CA VAL A 388 -25.19 -12.18 -10.54
C VAL A 388 -24.59 -11.31 -9.45
N TRP A 389 -23.31 -10.94 -9.61
CA TRP A 389 -22.67 -10.05 -8.65
C TRP A 389 -22.42 -8.72 -9.34
N ILE A 390 -23.20 -7.72 -8.96
CA ILE A 390 -23.07 -6.38 -9.50
C ILE A 390 -23.09 -5.44 -8.30
N ARG A 391 -22.11 -4.54 -8.22
CA ARG A 391 -22.05 -3.58 -7.12
C ARG A 391 -22.23 -2.16 -7.65
N PRO A 392 -23.44 -1.64 -7.59
CA PRO A 392 -23.71 -0.27 -8.04
C PRO A 392 -23.35 0.72 -6.98
N PHE A 393 -23.22 1.99 -7.33
CA PHE A 393 -22.98 3.01 -6.34
C PHE A 393 -23.36 4.36 -6.91
N GLY A 394 -23.79 5.25 -6.03
CA GLY A 394 -24.25 6.57 -6.45
C GLY A 394 -25.36 6.41 -7.47
N LYS A 395 -25.16 6.99 -8.66
CA LYS A 395 -26.14 6.89 -9.73
C LYS A 395 -25.65 5.99 -10.86
N LEU A 396 -24.80 5.04 -10.53
CA LEU A 396 -24.22 4.18 -11.53
C LEU A 396 -24.50 2.71 -11.29
N ILE A 397 -25.02 2.07 -12.33
CA ILE A 397 -25.16 0.63 -12.37
C ILE A 397 -24.27 0.25 -13.53
N TYR A 398 -23.10 -0.32 -13.24
CA TYR A 398 -22.12 -0.56 -14.29
C TYR A 398 -21.51 -1.93 -14.26
N LEU A 399 -20.98 -2.35 -15.40
CA LEU A 399 -20.36 -3.66 -15.53
C LEU A 399 -18.94 -3.51 -16.03
N MET A 400 -18.02 -4.24 -15.41
CA MET A 400 -16.62 -4.30 -15.83
C MET A 400 -16.16 -5.76 -15.61
N PRO A 401 -16.65 -6.66 -16.46
CA PRO A 401 -16.43 -8.11 -16.29
C PRO A 401 -15.08 -8.61 -16.74
N PRO A 402 -14.74 -9.84 -16.37
CA PRO A 402 -13.50 -10.44 -16.83
C PRO A 402 -13.55 -10.60 -18.34
N TYR A 403 -12.41 -10.51 -18.97
CA TYR A 403 -12.33 -10.57 -20.42
C TYR A 403 -12.79 -11.94 -20.94
N ILE A 404 -12.70 -12.98 -20.11
CA ILE A 404 -13.07 -14.34 -20.51
C ILE A 404 -14.55 -14.69 -20.28
N ILE A 405 -15.35 -13.71 -19.90
CA ILE A 405 -16.77 -13.97 -19.68
C ILE A 405 -17.43 -14.52 -20.95
N LEU A 406 -18.25 -15.55 -20.76
CA LEU A 406 -19.03 -16.12 -21.85
C LEU A 406 -20.21 -15.22 -22.18
N PRO A 407 -20.58 -15.16 -23.45
CA PRO A 407 -21.75 -14.41 -23.89
C PRO A 407 -22.99 -14.65 -23.05
N GLN A 408 -23.29 -15.90 -22.71
CA GLN A 408 -24.49 -16.19 -21.93
C GLN A 408 -24.38 -15.65 -20.50
N GLN A 409 -23.14 -15.57 -19.99
CA GLN A 409 -22.90 -15.01 -18.67
C GLN A 409 -23.09 -13.48 -18.71
N LEU A 410 -22.55 -12.85 -19.75
CA LEU A 410 -22.67 -11.39 -19.92
C LEU A 410 -24.14 -11.02 -20.10
N GLN A 411 -24.84 -11.88 -20.81
CA GLN A 411 -26.26 -11.71 -21.05
C GLN A 411 -27.07 -11.69 -19.74
N ARG A 412 -26.72 -12.55 -18.80
CA ARG A 412 -27.39 -12.58 -17.50
C ARG A 412 -27.16 -11.25 -16.77
N LEU A 413 -25.97 -10.68 -16.90
CA LEU A 413 -25.63 -9.39 -16.28
C LEU A 413 -26.45 -8.24 -16.86
N THR A 414 -26.47 -8.15 -18.18
CA THR A 414 -27.18 -7.06 -18.83
C THR A 414 -28.69 -7.18 -18.63
N ALA A 415 -29.19 -8.42 -18.63
CA ALA A 415 -30.62 -8.66 -18.41
C ALA A 415 -31.02 -8.18 -17.02
N ALA A 416 -30.19 -8.50 -16.02
CA ALA A 416 -30.44 -8.09 -14.64
C ALA A 416 -30.45 -6.57 -14.54
N VAL A 417 -29.50 -5.94 -15.21
CA VAL A 417 -29.40 -4.49 -15.21
C VAL A 417 -30.69 -3.88 -15.76
N ASN A 418 -31.09 -4.35 -16.94
CA ASN A 418 -32.30 -3.86 -17.60
C ASN A 418 -33.52 -4.02 -16.73
N ARG A 419 -33.61 -5.15 -16.05
CA ARG A 419 -34.73 -5.44 -15.18
C ARG A 419 -34.72 -4.52 -13.93
N ALA A 420 -33.52 -4.26 -13.41
CA ALA A 420 -33.37 -3.43 -12.23
C ALA A 420 -33.85 -2.01 -12.43
N VAL A 421 -33.59 -1.45 -13.61
CA VAL A 421 -33.91 -0.04 -13.85
C VAL A 421 -35.36 0.17 -14.32
N GLN A 422 -36.11 -0.92 -14.43
CA GLN A 422 -37.52 -0.82 -14.80
C GLN A 422 -38.26 -0.30 -13.55
N ASP A 423 -37.63 -0.43 -12.37
CA ASP A 423 -38.31 -0.14 -11.08
C ASP A 423 -37.79 0.82 -9.96
N GLU A 424 -38.45 1.98 -9.81
CA GLU A 424 -38.25 2.87 -8.65
C GLU A 424 -37.92 2.04 -7.42
N THR A 425 -38.43 0.82 -7.43
CA THR A 425 -38.19 -0.19 -6.40
C THR A 425 -36.84 -0.01 -5.71
N PHE A 426 -35.80 -0.08 -6.52
CA PHE A 426 -34.43 -0.09 -6.04
C PHE A 426 -33.74 1.28 -5.97
N PHE A 427 -34.52 2.36 -5.90
CA PHE A 427 -33.93 3.69 -5.91
C PHE A 427 -34.21 4.60 -4.72
N CYS A 428 -33.39 5.65 -4.63
CA CYS A 428 -33.33 6.59 -3.51
C CYS A 428 -33.11 5.92 -2.16
N MET B 1 19.81 -16.64 -13.46
CA MET B 1 20.10 -15.17 -13.55
C MET B 1 21.42 -14.93 -14.25
N THR B 2 21.39 -14.11 -15.29
CA THR B 2 22.58 -13.67 -15.98
C THR B 2 23.05 -12.24 -15.66
N THR B 3 24.27 -11.93 -16.09
CA THR B 3 24.82 -10.59 -15.90
C THR B 3 24.00 -9.58 -16.73
N ASP B 4 23.41 -10.02 -17.83
CA ASP B 4 22.53 -9.10 -18.59
C ASP B 4 21.32 -8.74 -17.71
N ASP B 5 20.81 -9.72 -16.97
CA ASP B 5 19.70 -9.47 -16.04
C ASP B 5 20.11 -8.39 -15.05
N LEU B 6 21.34 -8.48 -14.54
CA LEU B 6 21.84 -7.50 -13.55
C LEU B 6 21.98 -6.12 -14.19
N ALA B 7 22.37 -6.08 -15.46
CA ALA B 7 22.48 -4.81 -16.18
C ALA B 7 21.10 -4.15 -16.32
N PHE B 8 20.11 -4.95 -16.67
CA PHE B 8 18.76 -4.41 -16.84
C PHE B 8 18.27 -3.81 -15.52
N ASP B 9 18.47 -4.57 -14.44
CA ASP B 9 18.07 -4.14 -13.11
C ASP B 9 18.72 -2.81 -12.71
N GLN B 10 20.03 -2.73 -12.90
CA GLN B 10 20.77 -1.53 -12.56
C GLN B 10 20.25 -0.30 -13.28
N ARG B 11 19.95 -0.45 -14.57
CA ARG B 11 19.60 0.68 -15.44
C ARG B 11 18.11 1.00 -15.51
N HIS B 12 17.24 0.05 -15.15
CA HIS B 12 15.81 0.24 -15.37
C HIS B 12 14.89 0.03 -14.16
N ILE B 13 15.44 -0.49 -13.08
CA ILE B 13 14.63 -0.83 -11.91
C ILE B 13 15.05 -0.04 -10.70
N LEU B 14 14.17 0.82 -10.19
CA LEU B 14 14.46 1.57 -8.97
C LEU B 14 14.42 0.63 -7.74
N HIS B 15 15.29 0.89 -6.77
CA HIS B 15 15.30 0.15 -5.51
C HIS B 15 15.06 1.14 -4.39
N PRO B 16 14.71 0.65 -3.20
CA PRO B 16 14.37 1.54 -2.07
C PRO B 16 15.51 2.47 -1.69
N TYR B 17 15.22 3.77 -1.65
CA TYR B 17 16.18 4.78 -1.19
C TYR B 17 17.61 4.58 -1.71
N THR B 18 17.74 4.45 -3.02
CA THR B 18 19.07 4.30 -3.61
C THR B 18 19.16 4.97 -4.98
N SER B 19 20.34 5.49 -5.30
CA SER B 19 20.57 6.23 -6.53
C SER B 19 20.52 5.42 -7.84
N MET B 20 20.00 6.06 -8.89
CA MET B 20 19.92 5.44 -10.22
C MET B 20 21.13 5.82 -11.07
N THR B 21 21.83 6.89 -10.71
CA THR B 21 22.97 7.37 -11.48
C THR B 21 24.29 6.89 -10.92
N SER B 22 24.34 6.68 -9.60
CA SER B 22 25.55 6.15 -8.98
C SER B 22 25.26 4.82 -8.27
N PRO B 23 24.75 3.85 -9.02
CA PRO B 23 24.43 2.52 -8.48
C PRO B 23 25.49 1.82 -7.64
N LEU B 24 25.03 1.16 -6.58
CA LEU B 24 25.87 0.28 -5.80
C LEU B 24 25.39 -1.12 -6.19
N PRO B 25 26.26 -2.11 -6.12
CA PRO B 25 25.89 -3.47 -6.51
C PRO B 25 24.76 -4.06 -5.69
N VAL B 26 23.91 -4.84 -6.36
CA VAL B 26 22.86 -5.58 -5.70
C VAL B 26 23.19 -7.04 -5.93
N TYR B 27 22.79 -7.89 -4.99
CA TYR B 27 23.06 -9.32 -5.09
C TYR B 27 21.80 -10.07 -5.49
N PRO B 28 21.90 -10.90 -6.53
CA PRO B 28 20.75 -11.64 -7.03
C PRO B 28 20.42 -12.86 -6.17
N VAL B 29 19.17 -12.95 -5.74
CA VAL B 29 18.71 -14.06 -4.92
C VAL B 29 17.75 -14.95 -5.71
N VAL B 30 18.01 -16.25 -5.73
CA VAL B 30 17.18 -17.17 -6.49
C VAL B 30 16.15 -17.90 -5.62
N SER B 31 16.49 -18.17 -4.37
CA SER B 31 15.58 -18.83 -3.45
C SER B 31 16.01 -18.55 -2.01
N ALA B 32 15.21 -19.03 -1.08
CA ALA B 32 15.49 -18.91 0.33
C ALA B 32 14.82 -20.04 1.09
N GLU B 33 15.45 -20.50 2.16
CA GLU B 33 14.87 -21.55 3.00
C GLU B 33 15.44 -21.46 4.39
N GLY B 34 14.61 -21.79 5.37
CA GLY B 34 14.99 -21.72 6.77
C GLY B 34 15.46 -20.31 7.10
N CYS B 35 16.69 -20.17 7.57
CA CYS B 35 17.26 -18.86 7.88
C CYS B 35 18.35 -18.47 6.89
N GLU B 36 18.27 -19.00 5.67
CA GLU B 36 19.26 -18.75 4.63
C GLU B 36 18.69 -18.18 3.33
N LEU B 37 19.44 -17.25 2.73
CA LEU B 37 19.17 -16.74 1.40
C LEU B 37 20.13 -17.42 0.45
N ILE B 38 19.66 -17.79 -0.72
CA ILE B 38 20.51 -18.46 -1.69
C ILE B 38 20.73 -17.58 -2.92
N LEU B 39 21.97 -17.17 -3.14
CA LEU B 39 22.29 -16.32 -4.28
C LEU B 39 22.29 -17.12 -5.56
N SER B 40 22.16 -16.42 -6.69
CA SER B 40 22.17 -17.04 -8.02
C SER B 40 23.44 -17.84 -8.29
N ASP B 41 24.56 -17.39 -7.73
CA ASP B 41 25.83 -18.10 -7.90
C ASP B 41 25.98 -19.30 -6.95
N GLY B 42 24.94 -19.60 -6.17
CA GLY B 42 24.96 -20.74 -5.26
C GLY B 42 25.37 -20.46 -3.83
N ARG B 43 25.96 -19.30 -3.56
CA ARG B 43 26.39 -18.98 -2.20
C ARG B 43 25.19 -18.87 -1.27
N ARG B 44 25.27 -19.50 -0.11
CA ARG B 44 24.19 -19.43 0.86
C ARG B 44 24.55 -18.42 1.92
N LEU B 45 23.61 -17.55 2.28
CA LEU B 45 23.85 -16.56 3.31
C LEU B 45 22.90 -16.70 4.48
N VAL B 46 23.45 -16.65 5.69
CA VAL B 46 22.66 -16.65 6.91
C VAL B 46 21.98 -15.28 6.98
N ASP B 47 20.66 -15.26 7.07
CA ASP B 47 19.94 -14.00 7.05
C ASP B 47 19.90 -13.30 8.40
N GLY B 48 20.51 -12.13 8.47
CA GLY B 48 20.50 -11.36 9.69
C GLY B 48 19.44 -10.27 9.75
N MET B 49 18.66 -10.12 8.68
CA MET B 49 17.70 -9.01 8.56
C MET B 49 16.22 -9.40 8.62
N SER B 50 15.89 -10.67 8.40
CA SER B 50 14.49 -11.10 8.33
C SER B 50 13.74 -10.33 7.23
N SER B 51 14.46 -9.93 6.18
CA SER B 51 13.92 -9.13 5.08
C SER B 51 13.24 -7.89 5.64
N TRP B 52 13.97 -7.21 6.51
CA TRP B 52 13.46 -6.02 7.20
C TRP B 52 12.35 -6.36 8.21
N TRP B 53 12.71 -7.14 9.22
CA TRP B 53 11.90 -7.32 10.42
C TRP B 53 10.82 -8.39 10.25
N ALA B 54 10.32 -8.55 9.02
CA ALA B 54 9.10 -9.32 8.79
C ALA B 54 9.18 -10.87 8.80
N ALA B 55 10.25 -11.44 8.30
CA ALA B 55 10.33 -12.91 8.17
C ALA B 55 10.70 -13.59 9.50
N ILE B 56 9.87 -13.40 10.52
CA ILE B 56 10.13 -13.94 11.86
C ILE B 56 10.17 -15.48 11.93
N HIS B 57 9.54 -16.13 10.97
CA HIS B 57 9.55 -17.59 10.89
C HIS B 57 10.52 -18.08 9.82
N GLY B 58 11.33 -17.16 9.30
CA GLY B 58 12.26 -17.49 8.24
C GLY B 58 11.61 -17.62 6.87
N TYR B 59 12.18 -18.47 6.03
CA TYR B 59 11.75 -18.61 4.65
C TYR B 59 11.33 -20.03 4.30
N ASN B 60 10.47 -20.15 3.30
CA ASN B 60 9.95 -21.44 2.88
C ASN B 60 9.48 -22.27 4.08
N HIS B 61 8.69 -21.63 4.94
CA HIS B 61 8.16 -22.28 6.12
C HIS B 61 6.99 -23.16 5.66
N PRO B 62 7.03 -24.45 6.00
CA PRO B 62 6.00 -25.40 5.56
C PRO B 62 4.58 -24.99 5.92
N GLN B 63 4.36 -24.47 7.11
CA GLN B 63 3.02 -24.05 7.52
C GLN B 63 2.51 -22.84 6.74
N LEU B 64 3.38 -21.86 6.51
CA LEU B 64 3.00 -20.69 5.73
C LEU B 64 2.72 -21.09 4.28
N ASN B 65 3.61 -21.91 3.70
CA ASN B 65 3.47 -22.38 2.33
C ASN B 65 2.15 -23.13 2.10
N ALA B 66 1.85 -24.07 2.98
CA ALA B 66 0.64 -24.88 2.83
C ALA B 66 -0.61 -24.03 2.93
N ALA B 67 -0.61 -23.08 3.87
CA ALA B 67 -1.74 -22.18 4.05
C ALA B 67 -1.93 -21.29 2.81
N MET B 68 -0.84 -20.81 2.21
CA MET B 68 -0.94 -19.97 1.02
C MET B 68 -1.44 -20.78 -0.19
N LYS B 69 -0.90 -21.98 -0.39
CA LYS B 69 -1.30 -22.81 -1.52
C LYS B 69 -2.78 -23.19 -1.44
N SER B 70 -3.23 -23.49 -0.24
CA SER B 70 -4.62 -23.88 -0.01
C SER B 70 -5.54 -22.71 -0.29
N GLN B 71 -5.15 -21.51 0.13
CA GLN B 71 -6.01 -20.37 -0.16
C GLN B 71 -6.08 -20.09 -1.65
N ILE B 72 -4.97 -20.28 -2.36
CA ILE B 72 -4.97 -20.09 -3.80
C ILE B 72 -6.01 -21.02 -4.44
N ASP B 73 -6.10 -22.25 -3.92
CA ASP B 73 -7.03 -23.23 -4.47
C ASP B 73 -8.49 -22.78 -4.32
N ALA B 74 -8.82 -22.11 -3.22
CA ALA B 74 -10.16 -21.59 -3.02
C ALA B 74 -10.33 -20.29 -3.85
N MET B 75 -9.51 -19.28 -3.53
CA MET B 75 -9.49 -18.01 -4.25
C MET B 75 -8.34 -17.15 -3.71
N SER B 76 -7.45 -16.70 -4.58
CA SER B 76 -6.35 -15.86 -4.12
C SER B 76 -6.94 -14.53 -3.66
N HIS B 77 -7.91 -14.02 -4.42
CA HIS B 77 -8.55 -12.74 -4.10
C HIS B 77 -10.02 -12.60 -4.54
N VAL B 78 -10.78 -11.85 -3.74
CA VAL B 78 -12.11 -11.40 -4.09
C VAL B 78 -12.23 -10.06 -3.37
N MET B 79 -13.00 -9.15 -3.94
CA MET B 79 -13.24 -7.83 -3.35
C MET B 79 -13.96 -7.94 -2.00
N PHE B 80 -13.80 -6.92 -1.17
CA PHE B 80 -14.32 -6.90 0.19
C PHE B 80 -15.50 -5.95 0.34
N GLY B 81 -15.95 -5.39 -0.77
CA GLY B 81 -17.10 -4.51 -0.75
C GLY B 81 -18.37 -5.34 -0.84
N GLY B 82 -19.12 -5.45 0.26
CA GLY B 82 -20.35 -6.22 0.27
C GLY B 82 -20.09 -7.73 0.36
N ILE B 83 -18.83 -8.10 0.58
CA ILE B 83 -18.42 -9.50 0.65
C ILE B 83 -17.54 -9.73 1.87
N THR B 84 -17.62 -10.91 2.48
CA THR B 84 -16.65 -11.25 3.49
C THR B 84 -16.22 -12.67 3.23
N HIS B 85 -15.20 -13.12 3.94
CA HIS B 85 -14.67 -14.45 3.76
C HIS B 85 -13.97 -14.96 5.00
N ALA B 86 -13.78 -16.27 5.07
CA ALA B 86 -13.24 -16.94 6.25
C ALA B 86 -11.85 -16.44 6.67
N PRO B 87 -10.91 -16.33 5.73
CA PRO B 87 -9.57 -15.84 6.07
C PRO B 87 -9.62 -14.47 6.73
N ALA B 88 -10.42 -13.56 6.22
CA ALA B 88 -10.54 -12.25 6.85
C ALA B 88 -11.15 -12.38 8.26
N ILE B 89 -12.19 -13.19 8.40
CA ILE B 89 -12.86 -13.31 9.69
C ILE B 89 -11.92 -13.93 10.74
N GLU B 90 -11.29 -15.04 10.38
CA GLU B 90 -10.33 -15.69 11.29
C GLU B 90 -9.19 -14.76 11.72
N LEU B 91 -8.64 -14.01 10.76
CA LEU B 91 -7.54 -13.10 11.07
C LEU B 91 -8.00 -12.03 12.06
N CYS B 92 -9.16 -11.43 11.79
CA CYS B 92 -9.68 -10.36 12.66
C CYS B 92 -10.02 -10.89 14.05
N ARG B 93 -10.56 -12.10 14.12
CA ARG B 93 -10.80 -12.75 15.41
C ARG B 93 -9.49 -12.85 16.19
N LYS B 94 -8.44 -13.32 15.52
CA LYS B 94 -7.14 -13.47 16.16
C LYS B 94 -6.58 -12.13 16.59
N LEU B 95 -6.67 -11.14 15.72
CA LEU B 95 -6.12 -9.82 16.01
C LEU B 95 -6.80 -9.16 17.21
N VAL B 96 -8.12 -9.26 17.24
CA VAL B 96 -8.91 -8.70 18.33
C VAL B 96 -8.57 -9.42 19.64
N ALA B 97 -8.47 -10.75 19.59
CA ALA B 97 -8.20 -11.54 20.79
C ALA B 97 -6.80 -11.32 21.39
N MET B 98 -5.79 -11.17 20.53
CA MET B 98 -4.41 -11.03 21.00
C MET B 98 -3.99 -9.61 21.42
N THR B 99 -4.79 -8.61 21.09
CA THR B 99 -4.47 -7.23 21.46
C THR B 99 -5.30 -6.84 22.67
N PRO B 100 -4.94 -5.74 23.31
CA PRO B 100 -5.66 -5.25 24.49
C PRO B 100 -7.15 -5.17 24.30
N GLN B 101 -7.86 -5.42 25.40
CA GLN B 101 -9.30 -5.57 25.38
C GLN B 101 -10.07 -4.52 24.59
N PRO B 102 -9.75 -3.24 24.74
CA PRO B 102 -10.50 -2.19 24.04
C PRO B 102 -10.39 -2.23 22.52
N LEU B 103 -9.29 -2.74 21.99
CA LEU B 103 -9.07 -2.73 20.55
C LEU B 103 -9.82 -3.90 19.93
N GLU B 104 -10.99 -3.62 19.35
CA GLU B 104 -11.85 -4.68 18.85
C GLU B 104 -12.46 -4.41 17.48
N CYS B 105 -12.04 -3.33 16.81
CA CYS B 105 -12.50 -3.03 15.46
C CYS B 105 -11.30 -3.00 14.50
N VAL B 106 -11.40 -3.75 13.42
CA VAL B 106 -10.23 -3.95 12.53
C VAL B 106 -10.42 -3.43 11.10
N PHE B 107 -9.48 -2.61 10.64
CA PHE B 107 -9.45 -2.13 9.26
C PHE B 107 -8.21 -2.73 8.60
N LEU B 108 -8.44 -3.71 7.73
CA LEU B 108 -7.34 -4.34 7.02
C LEU B 108 -6.90 -3.45 5.87
N ALA B 109 -5.60 -3.43 5.59
CA ALA B 109 -5.09 -2.63 4.49
C ALA B 109 -3.87 -3.28 3.81
N ASP B 110 -3.25 -2.57 2.87
CA ASP B 110 -2.23 -3.16 1.99
C ASP B 110 -0.82 -3.07 2.56
N SER B 111 -0.44 -1.91 3.06
CA SER B 111 0.91 -1.72 3.55
C SER B 111 0.98 -0.93 4.84
N GLY B 112 2.17 -0.88 5.43
CA GLY B 112 2.34 -0.17 6.68
C GLY B 112 2.06 1.32 6.57
N SER B 113 2.54 1.93 5.48
CA SER B 113 2.29 3.35 5.26
C SER B 113 0.77 3.61 5.17
N VAL B 114 0.04 2.73 4.48
CA VAL B 114 -1.40 2.89 4.37
C VAL B 114 -2.08 2.70 5.75
N ALA B 115 -1.57 1.79 6.57
CA ALA B 115 -2.15 1.57 7.90
C ALA B 115 -2.02 2.85 8.73
N VAL B 116 -0.89 3.52 8.59
CA VAL B 116 -0.65 4.78 9.31
C VAL B 116 -1.59 5.87 8.78
N GLU B 117 -1.74 5.94 7.46
CA GLU B 117 -2.65 6.89 6.83
C GLU B 117 -4.08 6.66 7.38
N VAL B 118 -4.47 5.39 7.50
CA VAL B 118 -5.77 5.02 8.02
C VAL B 118 -5.92 5.47 9.48
N ALA B 119 -4.89 5.26 10.30
CA ALA B 119 -4.89 5.70 11.70
C ALA B 119 -5.12 7.21 11.81
N MET B 120 -4.36 7.94 11.01
CA MET B 120 -4.39 9.41 10.96
C MET B 120 -5.74 9.94 10.48
N LYS B 121 -6.28 9.32 9.44
CA LYS B 121 -7.61 9.69 8.95
C LYS B 121 -8.68 9.38 10.01
N MET B 122 -8.53 8.23 10.69
CA MET B 122 -9.43 7.88 11.78
C MET B 122 -9.45 9.00 12.84
N ALA B 123 -8.27 9.46 13.24
CA ALA B 123 -8.16 10.53 14.25
C ALA B 123 -8.81 11.82 13.76
N LEU B 124 -8.52 12.20 12.53
CA LEU B 124 -9.11 13.41 11.94
C LEU B 124 -10.64 13.31 11.88
N GLN B 125 -11.16 12.21 11.34
CA GLN B 125 -12.61 12.03 11.25
C GLN B 125 -13.29 11.89 12.60
N TYR B 126 -12.59 11.34 13.58
CA TYR B 126 -13.11 11.19 14.92
C TYR B 126 -13.48 12.56 15.49
N TRP B 127 -12.53 13.50 15.40
CA TRP B 127 -12.71 14.86 15.94
C TRP B 127 -13.63 15.74 15.09
N GLN B 128 -13.59 15.53 13.77
CA GLN B 128 -14.47 16.26 12.86
C GLN B 128 -15.92 15.91 13.16
N ALA B 129 -16.13 14.78 13.84
CA ALA B 129 -17.47 14.25 14.10
C ALA B 129 -17.99 14.61 15.48
N LYS B 130 -17.08 15.02 16.36
CA LYS B 130 -17.45 15.50 17.69
C LYS B 130 -17.51 17.02 17.60
N GLY B 131 -17.21 17.56 16.41
CA GLY B 131 -17.28 18.98 16.13
C GLY B 131 -16.10 19.78 16.64
N GLU B 132 -14.99 19.12 16.93
CA GLU B 132 -13.81 19.78 17.47
C GLU B 132 -12.73 20.11 16.44
N ALA B 133 -12.00 21.18 16.74
CA ALA B 133 -11.02 21.77 15.84
C ALA B 133 -9.63 21.21 16.16
N ARG B 134 -9.42 19.95 15.75
CA ARG B 134 -8.17 19.21 15.97
C ARG B 134 -7.64 18.55 14.70
N GLN B 135 -6.57 19.09 14.13
CA GLN B 135 -5.98 18.60 12.89
C GLN B 135 -4.46 18.41 13.00
N ARG B 136 -3.92 18.54 14.20
CA ARG B 136 -2.48 18.38 14.37
C ARG B 136 -2.16 17.09 15.09
N PHE B 137 -0.99 16.55 14.78
CA PHE B 137 -0.49 15.36 15.43
C PHE B 137 0.75 15.72 16.22
N LEU B 138 0.89 15.10 17.38
CA LEU B 138 2.05 15.29 18.22
C LEU B 138 2.82 13.98 18.19
N THR B 139 4.06 14.05 17.74
CA THR B 139 4.87 12.85 17.65
C THR B 139 6.26 13.10 18.18
N PHE B 140 7.08 12.04 18.21
CA PHE B 140 8.42 12.27 18.72
C PHE B 140 9.52 12.41 17.59
N ARG B 141 10.58 13.21 17.78
CA ARG B 141 11.66 13.30 16.78
C ARG B 141 12.29 11.91 16.65
N ASN B 142 13.02 11.65 15.56
CA ASN B 142 13.63 10.34 15.30
C ASN B 142 12.59 9.24 15.00
N GLY B 143 11.33 9.65 14.79
CA GLY B 143 10.28 8.73 14.44
C GLY B 143 10.18 8.52 12.92
N TYR B 144 9.61 7.38 12.54
CA TYR B 144 9.37 7.06 11.14
C TYR B 144 8.10 6.25 11.04
N HIS B 145 7.18 6.68 10.19
CA HIS B 145 5.89 6.02 10.09
C HIS B 145 5.44 5.66 8.67
N GLY B 146 6.36 5.73 7.71
CA GLY B 146 6.01 5.41 6.34
C GLY B 146 6.40 6.54 5.41
N ASP B 147 6.26 6.33 4.10
CA ASP B 147 6.68 7.36 3.16
C ASP B 147 5.58 7.90 2.21
N THR B 148 4.33 7.56 2.48
CA THR B 148 3.25 8.21 1.75
C THR B 148 3.12 9.58 2.37
N PHE B 149 2.41 10.46 1.70
CA PHE B 149 2.39 11.83 2.17
C PHE B 149 1.89 12.10 3.61
N GLY B 150 0.81 11.46 4.07
CA GLY B 150 0.37 11.64 5.44
C GLY B 150 1.38 11.11 6.45
N ALA B 151 1.91 9.93 6.18
CA ALA B 151 2.90 9.30 7.04
C ALA B 151 4.16 10.17 7.12
N MET B 152 4.60 10.72 6.00
CA MET B 152 5.79 11.56 5.96
C MET B 152 5.65 12.76 6.89
N SER B 153 4.42 13.25 7.01
CA SER B 153 4.12 14.42 7.85
C SER B 153 4.37 14.19 9.34
N VAL B 154 4.59 12.94 9.74
CA VAL B 154 4.88 12.63 11.15
C VAL B 154 6.23 11.95 11.34
N CYS B 155 7.01 11.89 10.27
CA CYS B 155 8.37 11.38 10.34
C CYS B 155 9.29 12.53 10.76
N ASP B 156 10.44 12.19 11.33
CA ASP B 156 11.42 13.18 11.73
C ASP B 156 11.78 14.05 10.52
N PRO B 157 11.60 15.36 10.65
CA PRO B 157 11.85 16.29 9.54
C PRO B 157 13.28 16.28 8.98
N ASP B 158 14.27 16.03 9.83
CA ASP B 158 15.66 16.03 9.41
C ASP B 158 16.01 14.73 8.68
N ASN B 159 15.80 13.61 9.35
CA ASN B 159 16.07 12.29 8.80
C ASN B 159 15.39 12.02 7.46
N SER B 160 14.19 12.56 7.29
CA SER B 160 13.39 12.32 6.08
C SER B 160 13.46 13.48 5.10
N MET B 161 14.23 14.51 5.42
CA MET B 161 14.42 15.63 4.53
C MET B 161 13.10 16.26 4.15
N HIS B 162 12.48 16.89 5.12
CA HIS B 162 11.22 17.58 4.88
C HIS B 162 11.45 18.85 4.08
N SER B 163 12.71 19.30 4.01
CA SER B 163 13.05 20.50 3.24
C SER B 163 12.65 20.34 1.77
N LEU B 164 12.67 19.11 1.27
CA LEU B 164 12.29 18.82 -0.12
C LEU B 164 10.81 19.13 -0.37
N TRP B 165 10.00 18.98 0.67
CA TRP B 165 8.56 19.15 0.56
C TRP B 165 8.08 20.39 1.33
N LYS B 166 9.01 21.20 1.80
CA LYS B 166 8.69 22.41 2.55
C LYS B 166 7.62 23.22 1.82
N GLY B 167 6.43 23.31 2.42
CA GLY B 167 5.33 24.04 1.84
C GLY B 167 4.21 23.12 1.34
N TYR B 168 4.52 21.84 1.15
CA TYR B 168 3.51 20.88 0.70
C TYR B 168 3.04 20.02 1.87
N LEU B 169 3.98 19.61 2.71
CA LEU B 169 3.65 18.81 3.90
C LEU B 169 3.15 19.68 5.06
N PRO B 170 2.02 19.30 5.63
CA PRO B 170 1.51 19.89 6.88
C PRO B 170 2.57 19.88 7.97
N GLU B 171 2.61 20.92 8.81
CA GLU B 171 3.58 21.01 9.90
C GLU B 171 3.00 20.53 11.23
N ASN B 172 3.43 19.36 11.68
CA ASN B 172 2.94 18.80 12.93
C ASN B 172 3.88 19.15 14.08
N LEU B 173 3.58 18.65 15.27
CA LEU B 173 4.38 18.95 16.45
C LEU B 173 5.38 17.83 16.75
N PHE B 174 6.65 18.20 16.94
CA PHE B 174 7.70 17.23 17.20
C PHE B 174 8.36 17.40 18.57
N ALA B 175 8.00 16.53 19.50
CA ALA B 175 8.63 16.51 20.82
C ALA B 175 10.02 15.91 20.66
N PRO B 176 10.95 16.25 21.55
CA PRO B 176 12.30 15.69 21.48
C PRO B 176 12.27 14.16 21.52
N ALA B 177 13.27 13.53 20.92
CA ALA B 177 13.36 12.07 20.97
C ALA B 177 13.50 11.65 22.44
N PRO B 178 12.84 10.56 22.83
CA PRO B 178 12.97 10.05 24.19
C PRO B 178 14.43 9.79 24.50
N GLN B 179 14.92 10.29 25.64
CA GLN B 179 16.32 10.16 26.03
C GLN B 179 16.59 8.99 26.96
N SER B 180 15.67 8.72 27.89
CA SER B 180 15.85 7.63 28.84
C SER B 180 15.90 6.30 28.08
N ARG B 181 16.83 5.44 28.48
CA ARG B 181 17.08 4.17 27.80
C ARG B 181 16.31 2.99 28.37
N MET B 182 16.03 2.04 27.50
CA MET B 182 15.38 0.81 27.91
C MET B 182 16.35 0.10 28.88
N ASP B 183 17.65 0.31 28.66
CA ASP B 183 18.75 -0.25 29.48
C ASP B 183 18.92 0.37 30.85
N GLY B 184 18.58 1.65 30.94
CA GLY B 184 18.88 2.41 32.14
C GLY B 184 17.70 2.92 32.94
N GLU B 185 17.96 4.04 33.61
CA GLU B 185 16.99 4.61 34.51
C GLU B 185 16.16 5.70 33.86
N TRP B 186 15.03 5.97 34.47
CA TRP B 186 14.15 7.01 34.02
C TRP B 186 14.64 8.36 34.52
N ASP B 187 14.47 9.39 33.69
CA ASP B 187 14.83 10.75 34.10
C ASP B 187 13.65 11.69 33.82
N GLU B 188 13.04 12.20 34.89
CA GLU B 188 11.87 13.06 34.78
C GLU B 188 12.09 14.22 33.84
N ARG B 189 13.31 14.71 33.79
CA ARG B 189 13.61 15.82 32.91
C ARG B 189 13.26 15.47 31.45
N ASP B 190 13.32 14.20 31.09
CA ASP B 190 13.00 13.76 29.72
C ASP B 190 11.70 14.36 29.22
N MET B 191 10.75 14.53 30.13
CA MET B 191 9.37 14.95 29.83
C MET B 191 9.11 16.41 29.50
N VAL B 192 10.03 17.31 29.84
CA VAL B 192 9.77 18.75 29.70
C VAL B 192 9.32 19.21 28.30
N GLY B 193 10.01 18.77 27.26
CA GLY B 193 9.68 19.19 25.90
C GLY B 193 8.29 18.76 25.47
N PHE B 194 7.96 17.50 25.73
CA PHE B 194 6.65 16.95 25.39
C PHE B 194 5.54 17.63 26.20
N ALA B 195 5.79 17.80 27.49
CA ALA B 195 4.83 18.46 28.38
C ALA B 195 4.54 19.87 27.90
N ARG B 196 5.59 20.55 27.46
CA ARG B 196 5.50 21.93 26.99
C ARG B 196 4.62 22.04 25.75
N LEU B 197 4.90 21.20 24.77
CA LEU B 197 4.10 21.17 23.54
C LEU B 197 2.64 20.83 23.83
N MET B 198 2.41 19.88 24.73
CA MET B 198 1.04 19.49 25.06
C MET B 198 0.24 20.65 25.65
N ALA B 199 0.85 21.38 26.59
CA ALA B 199 0.19 22.48 27.27
C ALA B 199 -0.16 23.59 26.29
N ALA B 200 0.74 23.87 25.36
CA ALA B 200 0.57 24.93 24.38
C ALA B 200 -0.37 24.56 23.23
N HIS B 201 -0.57 23.27 22.97
CA HIS B 201 -1.40 22.86 21.83
C HIS B 201 -2.43 21.77 22.14
N ARG B 202 -2.65 21.47 23.42
CA ARG B 202 -3.55 20.37 23.80
C ARG B 202 -4.90 20.46 23.13
N HIS B 203 -5.25 21.66 22.70
CA HIS B 203 -6.53 21.95 22.13
C HIS B 203 -6.63 21.67 20.62
N GLU B 204 -5.49 21.68 19.91
CA GLU B 204 -5.49 21.41 18.46
C GLU B 204 -4.99 19.99 18.08
N ILE B 205 -4.56 19.21 19.06
CA ILE B 205 -4.02 17.87 18.77
C ILE B 205 -5.08 16.79 18.67
N ALA B 206 -5.13 16.16 17.49
CA ALA B 206 -6.06 15.09 17.21
C ALA B 206 -5.54 13.80 17.83
N ALA B 207 -4.23 13.60 17.71
CA ALA B 207 -3.63 12.41 18.30
C ALA B 207 -2.14 12.53 18.54
N VAL B 208 -1.67 11.68 19.44
CA VAL B 208 -0.24 11.50 19.65
C VAL B 208 0.11 10.20 18.92
N ILE B 209 1.17 10.22 18.13
CA ILE B 209 1.61 9.01 17.42
C ILE B 209 3.08 8.73 17.68
N ILE B 210 3.36 7.48 18.05
CA ILE B 210 4.73 7.07 18.35
C ILE B 210 4.93 5.58 18.07
N GLU B 211 6.20 5.22 17.92
CA GLU B 211 6.60 3.82 17.85
C GLU B 211 6.89 3.46 19.30
N PRO B 212 6.22 2.46 19.87
CA PRO B 212 6.47 2.10 21.27
C PRO B 212 7.84 1.42 21.48
N ILE B 213 8.63 1.93 22.42
CA ILE B 213 9.93 1.38 22.82
C ILE B 213 11.07 1.46 21.82
N VAL B 214 10.84 1.01 20.58
CA VAL B 214 11.88 1.04 19.58
C VAL B 214 11.54 1.97 18.43
N GLN B 215 12.38 3.00 18.22
CA GLN B 215 12.24 3.83 17.02
C GLN B 215 13.18 3.21 16.00
N GLY B 216 12.62 2.65 14.92
CA GLY B 216 13.39 1.89 13.96
C GLY B 216 14.24 2.65 12.99
N ALA B 217 13.61 3.07 11.89
CA ALA B 217 14.31 3.77 10.81
C ALA B 217 15.03 5.02 11.27
N GLY B 218 14.49 5.70 12.27
CA GLY B 218 15.08 6.93 12.78
C GLY B 218 16.29 6.76 13.70
N GLY B 219 16.84 5.55 13.82
CA GLY B 219 18.03 5.36 14.63
C GLY B 219 18.14 4.09 15.45
N MET B 220 17.17 3.19 15.33
CA MET B 220 17.15 1.95 16.11
C MET B 220 17.36 2.26 17.59
N ARG B 221 16.59 3.22 18.09
CA ARG B 221 16.66 3.64 19.47
C ARG B 221 15.74 2.80 20.32
N MET B 222 16.14 2.60 21.57
CA MET B 222 15.39 1.83 22.54
C MET B 222 15.22 2.65 23.79
N TYR B 223 14.00 3.14 24.03
CA TYR B 223 13.74 4.05 25.15
C TYR B 223 12.95 3.39 26.29
N HIS B 224 12.89 4.09 27.43
CA HIS B 224 12.29 3.60 28.67
C HIS B 224 10.76 3.49 28.61
N PRO B 225 10.20 2.38 29.07
CA PRO B 225 8.75 2.18 29.02
C PRO B 225 7.95 3.23 29.80
N GLU B 226 8.58 3.93 30.74
CA GLU B 226 7.88 4.94 31.52
C GLU B 226 7.32 6.00 30.57
N TRP B 227 7.98 6.19 29.44
CA TRP B 227 7.48 7.12 28.43
C TRP B 227 6.05 6.79 28.00
N LEU B 228 5.78 5.52 27.69
CA LEU B 228 4.45 5.13 27.24
C LEU B 228 3.41 5.23 28.36
N LYS B 229 3.81 4.87 29.58
CA LYS B 229 2.92 5.00 30.73
C LYS B 229 2.45 6.46 30.84
N ARG B 230 3.41 7.39 30.72
CA ARG B 230 3.12 8.82 30.83
C ARG B 230 2.24 9.31 29.67
N ILE B 231 2.60 8.90 28.46
CA ILE B 231 1.85 9.31 27.29
C ILE B 231 0.42 8.80 27.38
N ARG B 232 0.23 7.57 27.84
CA ARG B 232 -1.11 7.03 28.01
C ARG B 232 -1.90 7.90 29.00
N LYS B 233 -1.31 8.18 30.16
CA LYS B 233 -1.98 8.97 31.21
C LYS B 233 -2.32 10.38 30.72
N ILE B 234 -1.35 11.03 30.08
CA ILE B 234 -1.52 12.37 29.54
C ILE B 234 -2.63 12.40 28.48
N CYS B 235 -2.60 11.44 27.57
CA CYS B 235 -3.65 11.38 26.56
C CYS B 235 -5.01 11.19 27.24
N ASP B 236 -5.03 10.33 28.26
CA ASP B 236 -6.25 10.06 29.02
C ASP B 236 -6.81 11.32 29.65
N ARG B 237 -5.91 12.09 30.27
CA ARG B 237 -6.27 13.35 30.95
C ARG B 237 -6.77 14.43 30.00
N GLU B 238 -6.16 14.53 28.83
CA GLU B 238 -6.47 15.61 27.88
C GLU B 238 -7.53 15.22 26.85
N GLY B 239 -7.97 13.97 26.86
CA GLY B 239 -8.96 13.51 25.91
C GLY B 239 -8.39 13.36 24.50
N ILE B 240 -7.10 13.06 24.40
CA ILE B 240 -6.44 12.90 23.10
C ILE B 240 -6.23 11.42 22.79
N LEU B 241 -6.35 11.05 21.51
CA LEU B 241 -6.17 9.68 21.08
C LEU B 241 -4.70 9.31 20.99
N LEU B 242 -4.36 8.07 21.34
CA LEU B 242 -2.98 7.62 21.23
C LEU B 242 -2.88 6.58 20.10
N ILE B 243 -2.01 6.83 19.14
CA ILE B 243 -1.73 5.89 18.05
C ILE B 243 -0.39 5.22 18.31
N ALA B 244 -0.39 3.90 18.40
CA ALA B 244 0.85 3.15 18.56
C ALA B 244 1.18 2.50 17.22
N ASP B 245 2.31 2.87 16.63
CA ASP B 245 2.74 2.28 15.35
C ASP B 245 3.64 1.10 15.69
N GLU B 246 3.07 -0.09 15.64
CA GLU B 246 3.79 -1.33 15.94
C GLU B 246 4.06 -2.15 14.66
N ILE B 247 4.13 -1.46 13.54
CA ILE B 247 4.38 -2.15 12.28
C ILE B 247 5.71 -2.91 12.37
N ALA B 248 6.68 -2.33 13.09
CA ALA B 248 8.00 -2.97 13.28
C ALA B 248 8.10 -3.80 14.55
N THR B 249 7.56 -3.30 15.66
CA THR B 249 7.70 -3.96 16.95
C THR B 249 6.72 -5.10 17.23
N GLY B 250 5.66 -5.18 16.45
CA GLY B 250 4.60 -6.14 16.70
C GLY B 250 5.00 -7.59 16.51
N PHE B 251 4.29 -8.46 17.22
CA PHE B 251 4.44 -9.90 17.08
C PHE B 251 5.72 -10.50 17.63
N GLY B 252 6.16 -9.99 18.79
CA GLY B 252 7.24 -10.61 19.56
C GLY B 252 8.64 -10.06 19.46
N ARG B 253 8.93 -9.24 18.46
CA ARG B 253 10.30 -8.79 18.20
C ARG B 253 11.05 -8.24 19.42
N THR B 254 10.36 -7.51 20.31
CA THR B 254 11.02 -6.90 21.45
C THR B 254 11.01 -7.76 22.71
N GLY B 255 10.51 -8.98 22.61
CA GLY B 255 10.45 -9.86 23.76
C GLY B 255 9.05 -9.98 24.32
N LYS B 256 8.17 -9.03 23.99
CA LYS B 256 6.76 -9.14 24.34
C LYS B 256 5.92 -9.18 23.05
N LEU B 257 4.73 -9.76 23.11
CA LEU B 257 3.90 -9.92 21.91
C LEU B 257 3.71 -8.59 21.18
N PHE B 258 3.37 -7.54 21.92
CA PHE B 258 3.32 -6.17 21.38
C PHE B 258 4.13 -5.31 22.32
N ALA B 259 4.91 -4.37 21.76
CA ALA B 259 5.83 -3.57 22.58
C ALA B 259 5.13 -2.72 23.62
N CYS B 260 3.87 -2.39 23.38
CA CYS B 260 3.08 -1.64 24.35
C CYS B 260 3.03 -2.38 25.70
N GLU B 261 3.21 -3.71 25.67
CA GLU B 261 3.13 -4.52 26.87
C GLU B 261 4.28 -4.21 27.84
N HIS B 262 5.36 -3.63 27.35
CA HIS B 262 6.48 -3.26 28.21
C HIS B 262 6.04 -2.20 29.22
N ALA B 263 4.93 -1.54 28.89
CA ALA B 263 4.36 -0.48 29.72
C ALA B 263 2.99 -0.86 30.24
N GLU B 264 2.47 -2.00 29.79
CA GLU B 264 1.11 -2.44 30.12
C GLU B 264 0.04 -1.38 29.82
N ILE B 265 0.18 -0.72 28.69
CA ILE B 265 -0.81 0.26 28.27
C ILE B 265 -1.38 -0.19 26.95
N ALA B 266 -2.55 0.35 26.62
CA ALA B 266 -3.22 0.09 25.37
C ALA B 266 -3.45 1.41 24.70
N PRO B 267 -3.17 1.48 23.41
CA PRO B 267 -3.43 2.69 22.64
C PRO B 267 -4.88 2.67 22.18
N ASP B 268 -5.32 3.79 21.62
CA ASP B 268 -6.64 3.91 21.05
C ASP B 268 -6.63 3.35 19.64
N ILE B 269 -5.51 3.52 18.95
CA ILE B 269 -5.34 3.05 17.57
C ILE B 269 -3.99 2.34 17.46
N LEU B 270 -4.00 1.14 16.89
CA LEU B 270 -2.82 0.28 16.80
C LEU B 270 -2.57 -0.12 15.34
N CYS B 271 -1.36 0.15 14.85
CA CYS B 271 -1.01 -0.19 13.48
C CYS B 271 -0.06 -1.37 13.47
N LEU B 272 -0.34 -2.32 12.58
CA LEU B 272 0.44 -3.53 12.45
C LEU B 272 0.77 -3.83 10.99
N GLY B 273 1.87 -4.53 10.80
CA GLY B 273 2.29 -4.97 9.48
C GLY B 273 3.43 -5.96 9.59
N LYS B 274 4.33 -5.92 8.61
CA LYS B 274 5.53 -6.72 8.58
C LYS B 274 5.33 -8.17 9.00
N ALA B 275 5.67 -8.50 10.25
CA ALA B 275 5.56 -9.88 10.73
C ALA B 275 4.14 -10.45 10.71
N LEU B 276 3.15 -9.57 10.54
CA LEU B 276 1.75 -9.98 10.44
C LEU B 276 1.59 -11.18 9.50
N THR B 277 2.22 -11.12 8.33
CA THR B 277 2.13 -12.21 7.36
C THR B 277 3.32 -13.16 7.39
N GLY B 278 4.17 -13.03 8.41
CA GLY B 278 5.38 -13.82 8.46
C GLY B 278 6.33 -13.38 7.35
N GLY B 279 6.17 -12.15 6.89
CA GLY B 279 7.01 -11.62 5.82
C GLY B 279 6.88 -12.37 4.50
N THR B 280 5.69 -12.87 4.18
CA THR B 280 5.47 -13.58 2.92
C THR B 280 5.02 -12.67 1.80
N MET B 281 4.32 -11.60 2.16
CA MET B 281 3.71 -10.69 1.20
C MET B 281 3.12 -9.54 2.02
N THR B 282 2.72 -8.47 1.36
CA THR B 282 2.28 -7.30 2.11
C THR B 282 0.84 -7.39 2.60
N LEU B 283 0.62 -6.95 3.84
CA LEU B 283 -0.68 -6.81 4.45
C LEU B 283 -0.46 -5.94 5.68
N SER B 284 -1.48 -5.18 6.07
CA SER B 284 -1.38 -4.40 7.28
C SER B 284 -2.73 -4.38 7.97
N ALA B 285 -2.77 -3.87 9.19
CA ALA B 285 -4.02 -3.73 9.90
C ALA B 285 -3.92 -2.56 10.89
N THR B 286 -5.00 -1.80 10.97
CA THR B 286 -5.19 -0.77 11.96
C THR B 286 -6.41 -1.11 12.81
N LEU B 287 -6.18 -1.30 14.10
CA LEU B 287 -7.25 -1.60 15.02
C LEU B 287 -7.57 -0.37 15.83
N THR B 288 -8.81 -0.26 16.24
CA THR B 288 -9.20 0.85 17.09
C THR B 288 -10.31 0.38 18.02
N THR B 289 -10.84 1.32 18.79
CA THR B 289 -11.86 1.03 19.77
C THR B 289 -13.24 1.24 19.17
N ARG B 290 -14.23 0.71 19.88
CA ARG B 290 -15.60 0.89 19.49
C ARG B 290 -15.94 2.37 19.50
N GLU B 291 -15.42 3.10 20.48
CA GLU B 291 -15.67 4.52 20.62
C GLU B 291 -15.23 5.28 19.37
N VAL B 292 -14.06 4.96 18.85
CA VAL B 292 -13.57 5.64 17.65
C VAL B 292 -14.35 5.20 16.41
N ALA B 293 -14.55 3.89 16.26
CA ALA B 293 -15.16 3.33 15.07
C ALA B 293 -16.61 3.80 14.89
N GLU B 294 -17.36 3.83 15.98
CA GLU B 294 -18.76 4.23 15.92
C GLU B 294 -18.93 5.74 15.72
N THR B 295 -18.08 6.53 16.36
CA THR B 295 -18.17 7.98 16.25
C THR B 295 -17.99 8.45 14.81
N ILE B 296 -17.02 7.87 14.12
CA ILE B 296 -16.74 8.26 12.75
C ILE B 296 -17.93 7.99 11.84
N SER B 297 -18.57 6.83 12.03
CA SER B 297 -19.68 6.42 11.18
C SER B 297 -20.92 7.29 11.38
N ASN B 298 -21.02 7.93 12.55
CA ASN B 298 -22.16 8.82 12.83
C ASN B 298 -21.91 10.24 12.33
N GLY B 299 -20.70 10.49 11.84
CA GLY B 299 -20.34 11.80 11.32
C GLY B 299 -21.02 12.09 9.98
N GLU B 300 -20.74 13.27 9.44
CA GLU B 300 -21.32 13.70 8.17
C GLU B 300 -21.12 12.70 7.03
N ALA B 301 -19.93 12.09 6.98
CA ALA B 301 -19.62 11.12 5.92
C ALA B 301 -20.49 9.88 6.02
N GLY B 302 -20.81 9.45 7.24
CA GLY B 302 -21.63 8.27 7.46
C GLY B 302 -20.81 6.99 7.54
N CYS B 303 -19.51 7.11 7.31
CA CYS B 303 -18.62 5.95 7.35
C CYS B 303 -17.19 6.43 7.48
N PHE B 304 -16.29 5.49 7.70
CA PHE B 304 -14.87 5.79 7.65
C PHE B 304 -14.51 5.71 6.17
N MET B 305 -14.11 6.86 5.62
CA MET B 305 -13.85 7.01 4.20
C MET B 305 -12.52 6.47 3.70
N HIS B 306 -12.42 5.14 3.55
CA HIS B 306 -11.20 4.53 3.04
C HIS B 306 -11.52 3.10 2.63
N GLY B 307 -10.84 2.61 1.61
CA GLY B 307 -11.11 1.26 1.13
C GLY B 307 -10.32 0.96 -0.12
N PRO B 308 -9.12 0.41 0.07
CA PRO B 308 -8.24 0.09 -1.04
C PRO B 308 -8.72 -1.15 -1.79
N THR B 309 -8.48 -1.15 -3.10
CA THR B 309 -8.88 -2.25 -3.99
C THR B 309 -8.74 -3.64 -3.40
N PHE B 310 -7.55 -3.94 -2.90
CA PHE B 310 -7.25 -5.29 -2.44
C PHE B 310 -7.51 -5.50 -0.96
N MET B 311 -8.26 -4.58 -0.36
CA MET B 311 -8.58 -4.71 1.05
C MET B 311 -9.07 -6.13 1.39
N GLY B 312 -8.54 -6.68 2.47
CA GLY B 312 -8.95 -8.00 2.96
C GLY B 312 -8.45 -9.19 2.16
N ASN B 313 -7.58 -8.94 1.18
CA ASN B 313 -7.07 -10.02 0.32
C ASN B 313 -6.96 -11.39 1.02
N PRO B 314 -7.81 -12.33 0.61
CA PRO B 314 -7.81 -13.71 1.14
C PRO B 314 -6.44 -14.34 1.24
N LEU B 315 -5.62 -14.24 0.19
CA LEU B 315 -4.30 -14.89 0.22
C LEU B 315 -3.46 -14.36 1.38
N ALA B 316 -3.35 -13.05 1.49
CA ALA B 316 -2.53 -12.45 2.54
C ALA B 316 -3.11 -12.80 3.92
N CYS B 317 -4.43 -12.80 4.04
CA CYS B 317 -5.06 -13.12 5.32
C CYS B 317 -4.75 -14.55 5.74
N ALA B 318 -4.72 -15.45 4.77
CA ALA B 318 -4.41 -16.86 5.02
C ALA B 318 -2.97 -17.03 5.52
N ALA B 319 -2.05 -16.29 4.92
CA ALA B 319 -0.66 -16.30 5.36
C ALA B 319 -0.54 -15.73 6.77
N ALA B 320 -1.24 -14.63 7.03
CA ALA B 320 -1.21 -13.98 8.34
C ALA B 320 -1.78 -14.94 9.38
N ASN B 321 -2.86 -15.63 9.05
CA ASN B 321 -3.46 -16.60 9.97
C ASN B 321 -2.48 -17.71 10.35
N ALA B 322 -1.75 -18.21 9.36
CA ALA B 322 -0.76 -19.27 9.56
C ALA B 322 0.40 -18.75 10.42
N SER B 323 0.82 -17.52 10.15
CA SER B 323 1.88 -16.89 10.90
C SER B 323 1.51 -16.72 12.37
N LEU B 324 0.28 -16.29 12.61
CA LEU B 324 -0.20 -16.08 13.98
C LEU B 324 -0.36 -17.43 14.68
N ALA B 325 -0.80 -18.44 13.93
CA ALA B 325 -0.95 -19.79 14.47
C ALA B 325 0.39 -20.28 15.00
N ILE B 326 1.46 -20.01 14.26
CA ILE B 326 2.80 -20.39 14.71
C ILE B 326 3.10 -19.74 16.05
N LEU B 327 2.79 -18.45 16.18
CA LEU B 327 3.03 -17.72 17.42
C LEU B 327 2.15 -18.25 18.57
N GLU B 328 1.05 -18.91 18.25
CA GLU B 328 0.15 -19.44 19.30
C GLU B 328 0.80 -20.57 20.09
N SER B 329 1.80 -21.21 19.52
CA SER B 329 2.53 -22.28 20.20
C SER B 329 3.29 -21.71 21.39
N GLY B 330 3.46 -20.39 21.41
CA GLY B 330 4.19 -19.69 22.47
C GLY B 330 5.70 -19.86 22.40
N ASP B 331 6.17 -20.66 21.45
CA ASP B 331 7.59 -20.98 21.32
C ASP B 331 8.48 -19.76 21.10
N TRP B 332 7.90 -18.70 20.51
CA TRP B 332 8.63 -17.47 20.23
C TRP B 332 9.20 -16.80 21.48
N GLN B 333 8.47 -16.91 22.61
CA GLN B 333 8.87 -16.26 23.85
C GLN B 333 10.29 -16.68 24.30
N GLN B 334 10.52 -17.99 24.36
CA GLN B 334 11.83 -18.51 24.76
C GLN B 334 12.86 -18.27 23.67
N GLN B 335 12.43 -18.43 22.42
CA GLN B 335 13.30 -18.22 21.27
C GLN B 335 13.88 -16.80 21.31
N VAL B 336 13.02 -15.81 21.44
CA VAL B 336 13.45 -14.42 21.47
C VAL B 336 14.27 -14.12 22.73
N ALA B 337 13.86 -14.66 23.87
CA ALA B 337 14.63 -14.49 25.10
C ALA B 337 16.04 -15.04 24.93
N ASP B 338 16.19 -16.20 24.31
CA ASP B 338 17.53 -16.79 24.09
C ASP B 338 18.35 -15.99 23.09
N ILE B 339 17.69 -15.44 22.07
CA ILE B 339 18.36 -14.64 21.08
C ILE B 339 18.90 -13.39 21.78
N GLU B 340 18.07 -12.80 22.64
CA GLU B 340 18.43 -11.60 23.40
C GLU B 340 19.70 -11.83 24.24
N VAL B 341 19.73 -12.94 24.98
CA VAL B 341 20.90 -13.27 25.79
C VAL B 341 22.15 -13.41 24.93
N GLN B 342 22.03 -14.11 23.80
CA GLN B 342 23.17 -14.34 22.90
C GLN B 342 23.65 -13.03 22.24
N LEU B 343 22.72 -12.17 21.86
CA LEU B 343 23.08 -10.88 21.29
C LEU B 343 23.85 -10.05 22.32
N ARG B 344 23.34 -9.98 23.55
CA ARG B 344 24.00 -9.26 24.65
C ARG B 344 25.41 -9.75 24.87
N GLU B 345 25.55 -11.06 24.99
CA GLU B 345 26.85 -11.68 25.23
C GLU B 345 27.85 -11.47 24.09
N GLN B 346 27.43 -11.76 22.86
CA GLN B 346 28.32 -11.77 21.71
C GLN B 346 28.60 -10.42 21.04
N LEU B 347 27.76 -9.43 21.31
CA LEU B 347 27.99 -8.09 20.77
C LEU B 347 28.71 -7.23 21.80
N ALA B 348 28.68 -7.65 23.06
CA ALA B 348 29.31 -6.88 24.14
C ALA B 348 30.75 -6.47 23.85
N PRO B 349 31.56 -7.36 23.30
CA PRO B 349 32.96 -7.04 22.99
C PRO B 349 33.10 -5.93 21.96
N ALA B 350 32.07 -5.72 21.16
CA ALA B 350 32.09 -4.65 20.17
C ALA B 350 32.25 -3.29 20.86
N ARG B 351 31.83 -3.21 22.13
CA ARG B 351 31.92 -1.95 22.88
C ARG B 351 33.34 -1.46 23.11
N ASP B 352 34.32 -2.32 22.87
CA ASP B 352 35.73 -1.97 23.07
C ASP B 352 36.41 -1.60 21.76
N ALA B 353 35.70 -1.76 20.65
CA ALA B 353 36.23 -1.38 19.34
C ALA B 353 36.17 0.13 19.24
N GLU B 354 37.20 0.74 18.69
CA GLU B 354 37.30 2.19 18.57
C GLU B 354 36.20 2.81 17.71
N MET B 355 35.77 2.07 16.70
CA MET B 355 34.73 2.50 15.77
C MET B 355 33.31 2.46 16.37
N VAL B 356 33.16 1.89 17.55
CA VAL B 356 31.82 1.69 18.12
C VAL B 356 31.40 2.74 19.14
N ALA B 357 30.27 3.39 18.85
CA ALA B 357 29.71 4.41 19.73
C ALA B 357 28.80 3.78 20.78
N ASP B 358 28.05 2.75 20.38
CA ASP B 358 27.10 2.14 21.29
C ASP B 358 26.67 0.72 20.88
N VAL B 359 26.49 -0.13 21.88
CA VAL B 359 25.87 -1.43 21.65
C VAL B 359 24.60 -1.54 22.50
N ARG B 360 23.47 -1.83 21.86
CA ARG B 360 22.20 -1.97 22.56
C ARG B 360 21.37 -3.13 21.99
N VAL B 361 20.71 -3.86 22.88
CA VAL B 361 19.94 -5.05 22.55
C VAL B 361 18.58 -5.09 23.27
N LEU B 362 17.55 -5.51 22.54
CA LEU B 362 16.22 -5.73 23.08
C LEU B 362 15.53 -6.85 22.29
N GLY B 363 15.12 -7.90 22.98
CA GLY B 363 14.52 -9.04 22.32
C GLY B 363 15.44 -9.52 21.20
N ALA B 364 14.86 -9.69 20.01
CA ALA B 364 15.62 -10.18 18.86
C ALA B 364 16.06 -9.01 17.96
N ILE B 365 16.55 -7.95 18.61
CA ILE B 365 17.15 -6.78 17.95
C ILE B 365 18.50 -6.50 18.58
N GLY B 366 19.54 -6.49 17.77
CA GLY B 366 20.89 -6.24 18.24
C GLY B 366 21.51 -5.12 17.43
N VAL B 367 21.87 -4.02 18.10
CA VAL B 367 22.40 -2.86 17.41
C VAL B 367 23.82 -2.45 17.83
N VAL B 368 24.68 -2.29 16.83
CA VAL B 368 26.02 -1.76 17.00
C VAL B 368 26.06 -0.44 16.22
N GLU B 369 25.98 0.65 16.96
CA GLU B 369 26.07 1.98 16.38
C GLU B 369 27.54 2.48 16.33
N THR B 370 27.96 2.94 15.16
CA THR B 370 29.35 3.36 14.94
C THR B 370 29.52 4.88 14.93
N THR B 371 30.78 5.32 14.94
CA THR B 371 31.11 6.75 15.01
C THR B 371 31.11 7.41 13.64
N HIS B 372 31.35 6.61 12.61
CA HIS B 372 31.38 7.10 11.24
C HIS B 372 30.42 6.25 10.43
N PRO B 373 29.94 6.78 9.32
CA PRO B 373 29.02 6.05 8.45
C PRO B 373 29.72 4.91 7.75
N VAL B 374 28.99 3.85 7.42
CA VAL B 374 29.58 2.72 6.72
C VAL B 374 29.80 2.97 5.22
N ASN B 375 30.81 2.33 4.67
CA ASN B 375 31.05 2.33 3.22
C ASN B 375 30.19 1.20 2.69
N MET B 376 29.05 1.53 2.10
CA MET B 376 28.01 0.53 1.76
C MET B 376 28.47 -0.59 0.85
N ALA B 377 29.02 -0.23 -0.30
CA ALA B 377 29.50 -1.22 -1.26
C ALA B 377 30.55 -2.13 -0.63
N ALA B 378 31.52 -1.53 0.06
CA ALA B 378 32.60 -2.28 0.68
C ALA B 378 32.15 -3.19 1.82
N LEU B 379 31.36 -2.66 2.75
CA LEU B 379 30.92 -3.44 3.89
C LEU B 379 29.93 -4.55 3.48
N GLN B 380 29.09 -4.27 2.50
CA GLN B 380 28.12 -5.26 2.03
C GLN B 380 28.88 -6.46 1.45
N LYS B 381 29.94 -6.16 0.69
CA LYS B 381 30.78 -7.19 0.09
C LYS B 381 31.45 -8.04 1.17
N PHE B 382 31.97 -7.39 2.22
CA PHE B 382 32.60 -8.12 3.31
C PHE B 382 31.62 -9.09 3.97
N PHE B 383 30.40 -8.63 4.25
CA PHE B 383 29.40 -9.46 4.90
C PHE B 383 29.07 -10.69 4.05
N VAL B 384 28.79 -10.47 2.77
CA VAL B 384 28.44 -11.55 1.85
C VAL B 384 29.60 -12.57 1.77
N GLU B 385 30.82 -12.04 1.84
CA GLU B 385 32.02 -12.87 1.81
C GLU B 385 32.17 -13.72 3.07
N GLN B 386 31.53 -13.28 4.15
CA GLN B 386 31.51 -14.02 5.41
C GLN B 386 30.34 -15.00 5.43
N GLY B 387 29.55 -15.02 4.35
CA GLY B 387 28.41 -15.92 4.26
C GLY B 387 27.21 -15.45 5.08
N VAL B 388 27.08 -14.12 5.24
CA VAL B 388 25.96 -13.58 5.98
C VAL B 388 25.27 -12.43 5.23
N TRP B 389 23.98 -12.24 5.47
CA TRP B 389 23.27 -11.12 4.89
C TRP B 389 22.97 -10.16 6.03
N ILE B 390 23.73 -9.08 6.09
CA ILE B 390 23.52 -8.03 7.07
C ILE B 390 23.54 -6.78 6.23
N ARG B 391 22.53 -5.93 6.36
CA ARG B 391 22.50 -4.69 5.56
C ARG B 391 22.47 -3.48 6.47
N PRO B 392 23.62 -2.86 6.64
CA PRO B 392 23.75 -1.75 7.55
C PRO B 392 23.17 -0.50 6.93
N PHE B 393 23.01 0.52 7.75
CA PHE B 393 22.40 1.75 7.28
C PHE B 393 22.96 2.91 8.12
N GLY B 394 23.65 3.82 7.45
CA GLY B 394 24.24 4.96 8.14
C GLY B 394 25.28 4.53 9.14
N LYS B 395 25.02 4.80 10.42
CA LYS B 395 25.94 4.42 11.50
C LYS B 395 25.44 3.22 12.29
N LEU B 396 24.52 2.47 11.69
CA LEU B 396 23.91 1.36 12.40
C LEU B 396 24.26 0.07 11.71
N ILE B 397 24.88 -0.83 12.46
CA ILE B 397 25.10 -2.20 11.98
C ILE B 397 24.20 -3.02 12.91
N TYR B 398 23.06 -3.46 12.39
CA TYR B 398 22.07 -4.13 13.22
C TYR B 398 21.65 -5.55 12.75
N LEU B 399 21.19 -6.33 13.71
CA LEU B 399 20.67 -7.67 13.49
C LEU B 399 19.25 -7.77 14.06
N MET B 400 18.32 -8.24 13.27
CA MET B 400 16.97 -8.52 13.68
C MET B 400 16.66 -9.95 13.00
N PRO B 401 17.27 -11.10 13.42
CA PRO B 401 17.11 -12.43 12.76
C PRO B 401 15.76 -13.09 12.94
N PRO B 402 15.44 -14.10 12.13
CA PRO B 402 14.21 -14.84 12.35
C PRO B 402 14.30 -15.53 13.71
N TYR B 403 13.15 -15.73 14.37
CA TYR B 403 13.09 -16.31 15.69
C TYR B 403 13.60 -17.75 15.70
N ILE B 404 13.55 -18.40 14.55
CA ILE B 404 13.96 -19.79 14.41
C ILE B 404 15.48 -19.95 14.20
N ILE B 405 16.23 -18.85 14.21
CA ILE B 405 17.66 -18.92 13.96
C ILE B 405 18.38 -19.83 14.97
N LEU B 406 19.31 -20.65 14.48
CA LEU B 406 20.07 -21.55 15.35
C LEU B 406 21.22 -20.77 15.99
N PRO B 407 21.61 -21.12 17.20
CA PRO B 407 22.73 -20.45 17.88
C PRO B 407 23.99 -20.34 17.02
N GLN B 408 24.33 -21.39 16.28
CA GLN B 408 25.52 -21.36 15.44
C GLN B 408 25.38 -20.35 14.31
N GLN B 409 24.18 -20.25 13.75
CA GLN B 409 23.89 -19.27 12.71
C GLN B 409 23.97 -17.86 13.31
N LEU B 410 23.38 -17.69 14.49
CA LEU B 410 23.40 -16.38 15.15
C LEU B 410 24.84 -15.99 15.49
N GLN B 411 25.64 -16.97 15.90
CA GLN B 411 27.04 -16.73 16.20
C GLN B 411 27.82 -16.25 14.99
N ARG B 412 27.52 -16.77 13.79
CA ARG B 412 28.20 -16.29 12.59
C ARG B 412 27.90 -14.80 12.35
N LEU B 413 26.66 -14.42 12.64
CA LEU B 413 26.21 -13.04 12.47
C LEU B 413 26.99 -12.10 13.37
N THR B 414 27.04 -12.42 14.66
CA THR B 414 27.72 -11.57 15.64
C THR B 414 29.23 -11.54 15.42
N ALA B 415 29.81 -12.66 14.99
CA ALA B 415 31.24 -12.74 14.73
C ALA B 415 31.59 -11.77 13.60
N ALA B 416 30.74 -11.75 12.58
CA ALA B 416 30.92 -10.91 11.41
C ALA B 416 30.80 -9.43 11.77
N VAL B 417 29.84 -9.10 12.63
CA VAL B 417 29.64 -7.73 13.10
C VAL B 417 30.90 -7.29 13.83
N ASN B 418 31.32 -8.09 14.80
CA ASN B 418 32.52 -7.78 15.58
C ASN B 418 33.74 -7.59 14.68
N ARG B 419 33.86 -8.42 13.65
CA ARG B 419 34.96 -8.32 12.71
C ARG B 419 34.86 -7.05 11.86
N ALA B 420 33.64 -6.70 11.45
CA ALA B 420 33.43 -5.53 10.61
C ALA B 420 33.92 -4.24 11.27
N VAL B 421 33.76 -4.12 12.57
CA VAL B 421 34.08 -2.86 13.28
C VAL B 421 35.46 -2.79 13.92
N GLN B 422 36.29 -3.82 13.72
CA GLN B 422 37.61 -3.88 14.36
C GLN B 422 38.59 -2.81 13.89
N ASP B 423 38.40 -2.28 12.67
CA ASP B 423 39.22 -1.17 12.17
C ASP B 423 38.39 -0.27 11.26
N GLU B 424 39.01 0.79 10.74
CA GLU B 424 38.29 1.83 9.97
C GLU B 424 38.06 1.53 8.49
N THR B 425 38.50 0.36 8.03
CA THR B 425 38.41 -0.03 6.63
C THR B 425 37.07 0.22 5.93
N PHE B 426 36.00 -0.30 6.53
CA PHE B 426 34.68 -0.26 5.89
C PHE B 426 33.88 0.98 6.25
N PHE B 427 34.56 2.07 6.55
CA PHE B 427 33.84 3.26 7.01
C PHE B 427 34.08 4.51 6.18
N CYS B 428 32.96 5.23 5.98
CA CYS B 428 32.86 6.53 5.32
C CYS B 428 32.40 6.43 3.87
NH ACZ C . -10.14 2.15 -7.72
CZ ACZ C . -11.32 2.17 -7.02
CE2 ACZ C . -12.42 1.55 -7.61
CD2 ACZ C . -13.66 1.51 -7.00
CG ACZ C . -13.85 2.13 -5.77
CD1 ACZ C . -12.76 2.77 -5.17
CE1 ACZ C . -11.50 2.79 -5.78
CX ACZ C . -15.21 2.10 -5.09
CB ACZ C . -16.35 2.37 -6.08
CA ACZ C . -17.65 2.62 -5.34
N ACZ C . -17.56 3.84 -4.55
C ACZ C . -17.97 1.47 -4.45
O2 ACZ C . -18.17 1.65 -3.27
O ACZ C . -18.02 0.33 -4.91
NA NA D . 8.51 1.65 -22.15
N1 PLP E . -6.33 5.24 -9.29
C2 PLP E . -7.45 4.85 -9.90
C2A PLP E . -7.77 5.34 -11.29
C3 PLP E . -8.38 3.92 -9.20
O3 PLP E . -9.42 3.56 -9.76
C4 PLP E . -8.03 3.46 -7.82
C4A PLP E . -8.92 2.53 -7.01
C5 PLP E . -6.76 3.99 -7.28
C6 PLP E . -5.98 4.86 -8.04
C5A PLP E . -6.31 3.57 -5.87
O4P PLP E . -5.88 2.21 -5.99
P PLP E . -5.91 1.40 -4.59
O1P PLP E . -7.32 1.27 -4.15
O2P PLP E . -5.13 2.12 -3.53
O3P PLP E . -5.21 0.08 -4.95
NH ACZ F . 8.85 1.03 6.50
CZ ACZ F . 10.18 1.35 6.47
CE2 ACZ F . 11.04 1.30 7.56
CD2 ACZ F . 12.37 1.70 7.43
CG ACZ F . 12.86 2.14 6.20
CD1 ACZ F . 11.99 2.20 5.12
CE1 ACZ F . 10.67 1.81 5.25
CX ACZ F . 14.31 2.56 6.04
CB ACZ F . 15.26 1.40 5.78
CA ACZ F . 16.69 1.91 5.67
N ACZ F . 16.81 2.86 4.58
C ACZ F . 17.66 0.80 5.38
O2 ACZ F . 18.10 0.62 4.26
O ACZ F . 17.98 0.07 6.27
NA NA G . -8.16 -6.62 21.38
N1 PLP H . 5.92 2.22 10.52
C2 PLP H . 7.02 1.59 10.96
C2A PLP H . 7.39 1.59 12.41
C3 PLP H . 7.91 0.88 10.01
O3 PLP H . 8.93 0.31 10.43
C4 PLP H . 7.54 0.88 8.58
C4A PLP H . 8.42 0.15 7.56
C5 PLP H . 6.30 1.61 8.22
C6 PLP H . 5.56 2.25 9.23
C5A PLP H . 5.84 1.68 6.77
O4P PLP H . 5.53 0.38 6.30
P PLP H . 5.60 0.22 4.67
O1P PLP H . 7.01 0.43 4.24
O2P PLP H . 4.71 1.17 3.96
O3P PLP H . 5.06 -1.17 4.43
#